data_4HFU
#
_entry.id   4HFU
#
_cell.length_a   129.590
_cell.length_b   129.590
_cell.length_c   536.885
_cell.angle_alpha   90.000
_cell.angle_beta   90.000
_cell.angle_gamma   120.000
#
_symmetry.space_group_name_H-M   'H 3 2'
#
loop_
_entity.id
_entity.type
_entity.pdbx_description
1 polymer 'Hemagglutinin HA1'
2 polymer 'Hemagglutinin HA2'
3 polymer 'Fab 8M2 heavy chain'
4 polymer 'Fab 8M2 light chain'
5 branched 2-acetamido-2-deoxy-beta-D-glucopyranose-(1-4)-2-acetamido-2-deoxy-beta-D-glucopyranose
#
loop_
_entity_poly.entity_id
_entity_poly.type
_entity_poly.pdbx_seq_one_letter_code
_entity_poly.pdbx_strand_id
1 'polypeptide(L)'
;PGDQICIGYHANNSTEKVDTILERNVTVTHAKDILEKTHNGKLCKLNGIPPLELGDCSIAGWLLGNPECDRLLSVPEWSY
IMEKENPRDGLCYPGSFNDYEELKYLLSSVKHFEKVKILPKDRWTQHTTTGGSRACAVSGNPSFFRNMVWLTKKGSDYPV
AKGSYNNTSGEQMLIIWGVHHPNDETEQRTLYQNVGTYVSVGTSTLNKRSTPEIATRPKVNGLGSRMEFSWTLLDMWDTI
NFESTGNLIAPEYGFKISKRGSSGIMKTEGTLENCETKCQTPLGAINTTLPFHNVHPLTIGECPRYVKSEKLVLATGLRN
VPQIESR
;
A
2 'polypeptide(L)'
;GLFGAIAGFIEGGWQGMVDGWYGYHHSNDQGSGYAADKESTQKAFDGITNKVNSVIEKMNTQFEAVGKEFSNLERRLENL
NKKMEDGFLDVWTYNAELLVLMENERTLDFHDSNVKNLYDKVRMQLRDNVKELGNGCFEFYHKCDDECMNSVKNGTYDYP
KYEEESKLNRNEIK
;
B
3 'polypeptide(L)'
;EVQLVESGADMKPPGSSVKVPCKASGDTFSSYTITWVRQAPGQGLEWMGGITPIFGSPNYAQRFQDRVIITADESTSTAY
MEVSNLRSEDTAVYFCARVGGEWGSGRYYLDHWGQGTLVTVSSASTKGPSVFPLAPSSKSTSGGTAALGCLVKDYFPEPV
TVSWNSGALTSGVHTFPAVLQSSGLYSLSSVVTVPSSSLGTQTYICNVNHKPSNTKVDKRVEPKSC
;
H
4 'polypeptide(L)'
;DIQLTQSPASLSVSPGERATLSCRASQSVAGNLAWYQQKPGQAPRLLIYGASTRATGIPARFSGSGSGTEFTLTITSLQS
EDFAVYYCQQYNNWPPWTFGQGTKVDIKRTVAAPSVFIFPPSDEQLKSGTASVVCLLNNFYPREAKVQWKVDNALQSGNS
QESVTEQDSKDSTYSLSSTLTLSKADYEKHKVYACEVTHQGLSSPVTKSFNRGEC
;
L
#
# COMPACT_ATOMS: atom_id res chain seq x y z
N PRO A 1 -58.13 10.01 81.83
CA PRO A 1 -58.63 9.67 80.50
C PRO A 1 -59.08 8.23 80.42
N GLY A 2 -59.10 7.67 79.20
CA GLY A 2 -59.40 6.27 79.01
C GLY A 2 -58.13 5.49 78.72
N ASP A 3 -58.21 4.17 78.83
CA ASP A 3 -57.07 3.31 78.51
C ASP A 3 -57.16 2.82 77.07
N GLN A 4 -56.04 2.85 76.36
CA GLN A 4 -56.06 2.62 74.93
C GLN A 4 -55.05 1.58 74.43
N ILE A 5 -55.42 0.92 73.35
CA ILE A 5 -54.48 0.15 72.55
C ILE A 5 -54.77 0.42 71.07
N CYS A 6 -53.72 0.65 70.29
CA CYS A 6 -53.90 1.06 68.90
C CYS A 6 -53.15 0.15 67.94
N ILE A 7 -53.60 0.11 66.69
CA ILE A 7 -52.90 -0.60 65.64
C ILE A 7 -52.25 0.40 64.69
N GLY A 8 -50.97 0.23 64.44
CA GLY A 8 -50.24 1.14 63.57
C GLY A 8 -49.18 0.44 62.74
N TYR A 9 -48.57 1.19 61.83
CA TYR A 9 -47.58 0.62 60.93
C TYR A 9 -46.27 1.41 60.95
N HIS A 10 -45.20 0.73 60.56
CA HIS A 10 -43.86 1.30 60.56
C HIS A 10 -43.74 2.57 59.70
N ALA A 11 -42.83 3.45 60.11
CA ALA A 11 -42.51 4.64 59.34
C ALA A 11 -41.08 5.05 59.63
N ASN A 12 -40.38 5.55 58.62
CA ASN A 12 -38.98 5.97 58.79
C ASN A 12 -38.61 7.22 58.01
N ASN A 13 -37.32 7.52 57.97
CA ASN A 13 -36.83 8.72 57.29
C ASN A 13 -36.45 8.49 55.83
N SER A 14 -36.81 7.31 55.31
CA SER A 14 -36.48 6.94 53.94
C SER A 14 -37.13 7.88 52.92
N THR A 15 -36.38 8.25 51.89
CA THR A 15 -36.88 9.17 50.89
C THR A 15 -37.00 8.52 49.52
N GLU A 16 -36.92 7.19 49.51
CA GLU A 16 -36.98 6.44 48.25
C GLU A 16 -38.35 6.53 47.60
N LYS A 17 -38.36 6.84 46.30
CA LYS A 17 -39.61 6.92 45.55
C LYS A 17 -39.79 5.73 44.61
N VAL A 18 -41.03 5.30 44.45
CA VAL A 18 -41.38 4.26 43.48
C VAL A 18 -42.65 4.65 42.74
N ASP A 19 -42.88 4.01 41.60
CA ASP A 19 -44.08 4.27 40.81
C ASP A 19 -45.00 3.05 40.84
N THR A 20 -46.30 3.29 40.79
CA THR A 20 -47.27 2.20 40.69
C THR A 20 -48.17 2.40 39.49
N ILE A 21 -49.04 1.44 39.24
CA ILE A 21 -49.98 1.54 38.13
C ILE A 21 -51.04 2.60 38.41
N LEU A 22 -51.15 3.01 39.67
CA LEU A 22 -52.20 3.94 40.08
C LEU A 22 -51.64 5.31 40.44
N GLU A 23 -50.59 5.32 41.25
CA GLU A 23 -50.00 6.56 41.74
C GLU A 23 -48.53 6.57 41.34
N ARG A 24 -47.94 7.77 41.28
CA ARG A 24 -46.54 7.90 40.98
C ARG A 24 -45.80 8.68 42.07
N ASN A 25 -44.47 8.55 42.10
CA ASN A 25 -43.64 9.21 43.09
C ASN A 25 -44.02 8.92 44.54
N VAL A 26 -44.37 7.66 44.82
CA VAL A 26 -44.75 7.24 46.17
C VAL A 26 -43.54 6.91 47.04
N THR A 27 -43.44 7.55 48.20
CA THR A 27 -42.35 7.31 49.13
C THR A 27 -42.59 6.03 49.94
N VAL A 28 -41.56 5.18 50.03
CA VAL A 28 -41.66 3.91 50.75
C VAL A 28 -40.56 3.79 51.81
N THR A 29 -40.74 2.88 52.77
CA THR A 29 -39.74 2.71 53.83
C THR A 29 -38.50 2.01 53.31
N HIS A 30 -38.69 1.11 52.34
CA HIS A 30 -37.58 0.39 51.75
C HIS A 30 -37.91 -0.09 50.34
N ALA A 31 -36.89 -0.20 49.50
CA ALA A 31 -37.09 -0.60 48.11
C ALA A 31 -35.86 -1.33 47.59
N LYS A 32 -36.02 -2.02 46.46
CA LYS A 32 -34.90 -2.69 45.84
C LYS A 32 -34.86 -2.42 44.34
N ASP A 33 -33.70 -1.99 43.85
CA ASP A 33 -33.53 -1.71 42.44
C ASP A 33 -33.12 -2.97 41.71
N ILE A 34 -33.90 -3.36 40.71
CA ILE A 34 -33.61 -4.58 39.95
C ILE A 34 -32.94 -4.26 38.62
N LEU A 35 -32.46 -3.03 38.48
CA LEU A 35 -31.78 -2.61 37.26
C LEU A 35 -30.29 -2.39 37.50
N GLU A 36 -29.46 -3.12 36.75
CA GLU A 36 -28.00 -2.97 36.86
C GLU A 36 -27.51 -1.79 36.03
N LYS A 37 -27.01 -0.77 36.72
CA LYS A 37 -26.66 0.49 36.07
C LYS A 37 -25.16 0.74 36.04
N THR A 38 -24.40 -0.21 36.59
CA THR A 38 -22.97 -0.04 36.83
C THR A 38 -22.08 -0.26 35.61
N HIS A 39 -21.26 0.73 35.30
CA HIS A 39 -20.21 0.61 34.28
C HIS A 39 -18.85 0.94 34.90
N ASN A 40 -18.16 -0.09 35.40
CA ASN A 40 -16.94 0.11 36.16
C ASN A 40 -15.70 0.44 35.32
N GLY A 41 -15.82 0.31 34.00
CA GLY A 41 -14.72 0.63 33.11
C GLY A 41 -13.71 -0.50 32.95
N LYS A 42 -13.84 -1.52 33.80
CA LYS A 42 -12.93 -2.66 33.76
C LYS A 42 -13.22 -3.58 32.58
N LEU A 43 -12.17 -4.22 32.08
CA LEU A 43 -12.31 -5.30 31.11
C LEU A 43 -11.67 -6.56 31.66
N CYS A 44 -12.51 -7.50 32.08
CA CYS A 44 -12.04 -8.70 32.75
C CYS A 44 -11.87 -9.87 31.79
N LYS A 45 -11.60 -11.05 32.33
CA LYS A 45 -11.71 -12.27 31.54
C LYS A 45 -13.11 -12.84 31.66
N LEU A 46 -13.45 -13.76 30.76
CA LEU A 46 -14.82 -14.24 30.64
C LEU A 46 -14.91 -15.71 31.01
N ASN A 47 -15.55 -15.99 32.15
CA ASN A 47 -15.73 -17.35 32.65
C ASN A 47 -14.41 -18.11 32.85
N GLY A 48 -13.37 -17.38 33.22
CA GLY A 48 -12.09 -18.00 33.55
C GLY A 48 -11.01 -17.81 32.50
N ILE A 49 -11.42 -17.48 31.28
CA ILE A 49 -10.46 -17.38 30.17
C ILE A 49 -10.35 -15.96 29.62
N PRO A 50 -9.12 -15.46 29.45
CA PRO A 50 -8.86 -14.09 29.00
C PRO A 50 -9.23 -13.85 27.54
N PRO A 51 -9.44 -12.58 27.15
CA PRO A 51 -9.71 -12.25 25.76
C PRO A 51 -8.43 -12.06 24.95
N LEU A 52 -8.52 -12.34 23.66
CA LEU A 52 -7.42 -12.08 22.74
C LEU A 52 -7.40 -10.59 22.43
N GLU A 53 -6.30 -9.91 22.77
CA GLU A 53 -6.20 -8.48 22.55
C GLU A 53 -5.33 -8.09 21.36
N LEU A 54 -5.98 -7.73 20.26
CA LEU A 54 -5.29 -7.41 19.01
C LEU A 54 -4.83 -5.95 18.95
N GLY A 55 -5.51 -5.08 19.68
CA GLY A 55 -5.16 -3.68 19.70
C GLY A 55 -5.44 -2.99 18.38
N ASP A 56 -4.40 -2.44 17.76
CA ASP A 56 -4.54 -1.75 16.48
C ASP A 56 -4.60 -2.73 15.32
N CYS A 57 -4.09 -3.93 15.56
CA CYS A 57 -4.02 -4.97 14.54
C CYS A 57 -5.40 -5.52 14.20
N SER A 58 -5.49 -6.28 13.12
CA SER A 58 -6.74 -6.91 12.73
C SER A 58 -6.53 -8.40 12.48
N ILE A 59 -7.62 -9.16 12.50
CA ILE A 59 -7.57 -10.61 12.33
C ILE A 59 -6.83 -11.02 11.06
N ALA A 60 -7.06 -10.26 9.99
CA ALA A 60 -6.37 -10.51 8.72
C ALA A 60 -4.88 -10.30 8.86
N GLY A 61 -4.50 -9.15 9.41
CA GLY A 61 -3.10 -8.82 9.58
C GLY A 61 -2.41 -9.75 10.55
N TRP A 62 -3.16 -10.19 11.55
CA TRP A 62 -2.63 -11.06 12.60
C TRP A 62 -2.26 -12.44 12.08
N LEU A 63 -3.18 -13.04 11.32
CA LEU A 63 -2.98 -14.39 10.80
C LEU A 63 -1.94 -14.42 9.68
N LEU A 64 -2.05 -13.47 8.74
CA LEU A 64 -1.16 -13.42 7.59
C LEU A 64 0.28 -13.09 7.99
N GLY A 65 0.44 -12.30 9.03
CA GLY A 65 1.77 -11.87 9.44
C GLY A 65 2.10 -10.50 8.88
N ASN A 66 1.18 -9.57 9.04
CA ASN A 66 1.40 -8.19 8.67
C ASN A 66 2.55 -7.62 9.48
N PRO A 67 3.60 -7.10 8.81
CA PRO A 67 4.78 -6.54 9.46
C PRO A 67 4.46 -5.41 10.44
N GLU A 68 3.28 -4.82 10.32
CA GLU A 68 2.88 -3.71 11.17
C GLU A 68 2.14 -4.20 12.41
N CYS A 69 2.18 -5.51 12.63
CA CYS A 69 1.43 -6.14 13.71
C CYS A 69 2.34 -6.99 14.58
N ASP A 70 2.28 -6.79 15.89
CA ASP A 70 3.12 -7.53 16.83
C ASP A 70 2.44 -8.82 17.34
N ARG A 71 3.10 -9.94 17.09
CA ARG A 71 2.58 -11.25 17.48
C ARG A 71 2.50 -11.40 19.01
N LEU A 72 3.40 -10.71 19.71
CA LEU A 72 3.63 -10.78 21.17
C LEU A 72 2.70 -11.61 22.06
N LEU A 73 1.41 -11.68 21.71
CA LEU A 73 0.44 -12.43 22.50
C LEU A 73 0.72 -13.93 22.44
N SER A 74 0.22 -14.57 21.39
CA SER A 74 0.32 -16.03 21.21
C SER A 74 -0.35 -16.81 22.35
N VAL A 75 -1.66 -16.61 22.50
CA VAL A 75 -2.41 -17.31 23.53
C VAL A 75 -3.10 -18.53 22.92
N PRO A 76 -2.99 -19.69 23.59
CA PRO A 76 -3.53 -20.95 23.07
C PRO A 76 -5.05 -20.99 23.15
N GLU A 77 -5.64 -20.08 23.91
CA GLU A 77 -7.09 -20.10 24.16
C GLU A 77 -7.58 -18.71 24.55
N TRP A 78 -8.79 -18.37 24.13
CA TRP A 78 -9.40 -17.10 24.53
C TRP A 78 -10.93 -17.14 24.50
N SER A 79 -11.54 -16.19 25.22
CA SER A 79 -13.00 -16.14 25.36
C SER A 79 -13.65 -15.22 24.32
N TYR A 80 -13.18 -13.98 24.27
CA TYR A 80 -13.60 -13.04 23.23
C TYR A 80 -12.41 -12.34 22.59
N ILE A 81 -12.67 -11.41 21.68
CA ILE A 81 -11.60 -10.66 21.04
C ILE A 81 -11.84 -9.16 21.18
N MET A 82 -10.82 -8.45 21.67
CA MET A 82 -10.93 -7.00 21.81
C MET A 82 -10.04 -6.23 20.85
N GLU A 83 -10.54 -5.11 20.35
CA GLU A 83 -9.81 -4.30 19.38
C GLU A 83 -9.85 -2.81 19.72
N LYS A 84 -9.80 -2.01 18.67
CA LYS A 84 -9.79 -0.56 18.77
C LYS A 84 -10.50 -0.04 17.53
N GLU A 85 -10.82 1.25 17.52
CA GLU A 85 -11.36 1.89 16.32
C GLU A 85 -10.34 1.90 15.19
N ASN A 86 -10.78 1.55 13.97
CA ASN A 86 -9.95 1.57 12.75
C ASN A 86 -8.81 0.52 12.70
N PRO A 87 -8.73 -0.22 11.58
CA PRO A 87 -7.59 -1.12 11.37
C PRO A 87 -6.42 -0.43 10.68
N ARG A 88 -5.20 -0.78 11.08
CA ARG A 88 -3.98 -0.30 10.41
C ARG A 88 -2.76 -1.11 10.83
N LEU A 91 -4.35 -3.86 5.69
CA LEU A 91 -3.33 -4.75 5.14
C LEU A 91 -2.26 -3.97 4.39
N CYS A 92 -1.02 -4.42 4.49
CA CYS A 92 0.11 -3.71 3.89
C CYS A 92 0.07 -3.78 2.37
N TYR A 93 -0.15 -4.98 1.85
CA TYR A 93 -0.35 -5.17 0.42
C TYR A 93 -1.85 -5.20 0.16
N PRO A 94 -2.34 -4.21 -0.60
CA PRO A 94 -3.79 -4.04 -0.85
C PRO A 94 -4.44 -5.28 -1.43
N GLY A 95 -5.73 -5.44 -1.18
CA GLY A 95 -6.47 -6.58 -1.67
C GLY A 95 -7.73 -6.83 -0.88
N SER A 96 -8.19 -8.08 -0.88
CA SER A 96 -9.42 -8.43 -0.20
C SER A 96 -9.28 -9.79 0.48
N PHE A 97 -10.21 -10.07 1.38
CA PHE A 97 -10.23 -11.33 2.11
C PHE A 97 -11.60 -11.95 1.92
N ASN A 98 -11.65 -13.13 1.29
CA ASN A 98 -12.92 -13.80 1.05
C ASN A 98 -13.52 -14.44 2.29
N ASP A 99 -14.82 -14.23 2.49
CA ASP A 99 -15.53 -14.70 3.68
C ASP A 99 -14.86 -14.24 4.97
N TYR A 100 -14.40 -12.99 4.97
CA TYR A 100 -13.67 -12.44 6.11
C TYR A 100 -14.49 -12.44 7.40
N GLU A 101 -15.77 -12.11 7.28
CA GLU A 101 -16.64 -12.00 8.45
C GLU A 101 -16.86 -13.36 9.09
N GLU A 102 -17.12 -14.36 8.27
CA GLU A 102 -17.25 -15.74 8.73
C GLU A 102 -16.01 -16.18 9.50
N LEU A 103 -14.85 -15.71 9.07
CA LEU A 103 -13.59 -16.05 9.73
C LEU A 103 -13.48 -15.36 11.08
N LYS A 104 -13.92 -14.10 11.14
CA LYS A 104 -13.87 -13.36 12.39
C LYS A 104 -14.79 -13.98 13.42
N TYR A 105 -15.95 -14.45 12.97
CA TYR A 105 -16.89 -15.13 13.85
C TYR A 105 -16.32 -16.45 14.33
N LEU A 106 -15.64 -17.16 13.43
CA LEU A 106 -15.05 -18.45 13.75
C LEU A 106 -13.98 -18.31 14.83
N LEU A 107 -13.21 -17.24 14.74
CA LEU A 107 -12.09 -17.02 15.64
C LEU A 107 -12.46 -16.19 16.86
N SER A 108 -13.73 -15.81 16.96
CA SER A 108 -14.21 -15.00 18.09
C SER A 108 -13.98 -15.71 19.42
N SER A 109 -13.88 -17.04 19.39
CA SER A 109 -13.56 -17.83 20.57
C SER A 109 -12.95 -19.16 20.14
N VAL A 110 -11.92 -19.60 20.86
CA VAL A 110 -11.30 -20.90 20.61
C VAL A 110 -10.99 -21.62 21.91
N LYS A 111 -11.00 -22.95 21.86
CA LYS A 111 -10.55 -23.76 22.98
C LYS A 111 -9.05 -23.98 22.85
N HIS A 112 -8.59 -24.14 21.61
CA HIS A 112 -7.17 -24.33 21.35
C HIS A 112 -6.76 -23.72 20.01
N PHE A 113 -5.66 -22.97 20.01
CA PHE A 113 -5.18 -22.32 18.79
C PHE A 113 -3.65 -22.37 18.76
N GLU A 114 -3.12 -23.13 17.80
CA GLU A 114 -1.68 -23.37 17.72
C GLU A 114 -1.17 -23.26 16.29
N LYS A 115 -0.25 -22.32 16.06
CA LYS A 115 0.32 -22.13 14.74
C LYS A 115 1.43 -23.15 14.47
N VAL A 116 1.26 -23.94 13.42
CA VAL A 116 2.24 -24.96 13.07
C VAL A 116 2.68 -24.81 11.61
N LYS A 117 3.92 -25.21 11.33
CA LYS A 117 4.48 -25.11 10.00
C LYS A 117 4.03 -26.30 9.14
N ILE A 118 3.54 -26.01 7.94
CA ILE A 118 3.02 -27.06 7.08
C ILE A 118 3.74 -27.15 5.73
N LEU A 119 3.96 -26.01 5.08
CA LEU A 119 4.68 -25.97 3.82
C LEU A 119 5.86 -25.01 3.93
N PRO A 120 6.99 -25.51 4.42
CA PRO A 120 8.21 -24.73 4.72
C PRO A 120 8.66 -23.90 3.54
N LYS A 121 9.15 -22.70 3.82
CA LYS A 121 9.52 -21.75 2.77
C LYS A 121 10.56 -22.32 1.82
N ASP A 122 11.49 -23.10 2.36
CA ASP A 122 12.61 -23.60 1.58
C ASP A 122 12.30 -24.90 0.83
N ARG A 123 11.05 -25.35 0.89
CA ARG A 123 10.67 -26.58 0.20
C ARG A 123 10.55 -26.37 -1.30
N TRP A 124 10.36 -25.12 -1.71
CA TRP A 124 10.26 -24.78 -3.12
C TRP A 124 11.64 -24.55 -3.72
N THR A 125 12.20 -25.56 -4.37
CA THR A 125 13.52 -25.46 -4.95
C THR A 125 13.46 -24.98 -6.40
N GLN A 126 12.26 -24.95 -6.96
CA GLN A 126 12.10 -24.57 -8.36
C GLN A 126 11.46 -23.20 -8.52
N HIS A 127 11.36 -22.46 -7.42
CA HIS A 127 10.77 -21.13 -7.46
C HIS A 127 11.51 -20.17 -6.56
N THR A 128 11.12 -18.89 -6.61
CA THR A 128 11.72 -17.89 -5.76
C THR A 128 10.82 -17.57 -4.58
N THR A 129 11.24 -18.01 -3.40
CA THR A 129 10.49 -17.77 -2.18
C THR A 129 10.74 -16.35 -1.69
N THR A 130 11.85 -15.77 -2.13
CA THR A 130 12.18 -14.39 -1.82
C THR A 130 11.16 -13.49 -2.47
N GLY A 131 11.12 -12.23 -2.08
CA GLY A 131 10.25 -11.28 -2.75
C GLY A 131 9.25 -10.60 -1.85
N GLY A 132 8.97 -9.34 -2.18
CA GLY A 132 8.07 -8.51 -1.41
C GLY A 132 8.18 -7.09 -1.91
N SER A 133 7.56 -6.16 -1.19
CA SER A 133 7.61 -4.76 -1.55
C SER A 133 7.90 -3.95 -0.31
N ARG A 134 8.07 -2.64 -0.46
CA ARG A 134 8.31 -1.79 0.69
C ARG A 134 7.00 -1.27 1.28
N ALA A 135 5.89 -1.60 0.64
CA ALA A 135 4.58 -1.33 1.22
C ALA A 135 4.40 -2.17 2.47
N CYS A 136 5.06 -3.33 2.48
CA CYS A 136 5.17 -4.17 3.67
C CYS A 136 6.63 -4.16 4.11
N ALA A 137 6.99 -3.23 4.98
CA ALA A 137 8.40 -3.00 5.29
C ALA A 137 8.82 -3.32 6.72
N VAL A 138 9.92 -4.06 6.86
CA VAL A 138 10.52 -4.34 8.15
C VAL A 138 11.88 -3.64 8.24
N SER A 139 12.01 -2.75 9.22
CA SER A 139 13.24 -1.99 9.43
C SER A 139 13.69 -1.20 8.20
N GLY A 140 12.73 -0.67 7.45
CA GLY A 140 13.03 0.11 6.27
C GLY A 140 13.23 -0.73 5.02
N ASN A 141 13.57 -2.00 5.22
CA ASN A 141 13.74 -2.94 4.12
C ASN A 141 12.40 -3.42 3.57
N PRO A 142 12.36 -3.74 2.27
CA PRO A 142 11.16 -4.34 1.68
C PRO A 142 10.94 -5.76 2.20
N SER A 143 9.71 -6.10 2.52
CA SER A 143 9.39 -7.42 3.05
C SER A 143 8.01 -7.89 2.60
N PHE A 144 7.45 -8.84 3.34
CA PHE A 144 6.18 -9.44 2.96
C PHE A 144 5.50 -10.00 4.21
N PHE A 145 4.30 -10.56 4.04
CA PHE A 145 3.61 -11.23 5.13
C PHE A 145 4.46 -12.36 5.67
N ARG A 146 4.56 -12.44 6.99
CA ARG A 146 5.48 -13.38 7.63
C ARG A 146 5.10 -14.85 7.41
N ASN A 147 3.82 -15.15 7.50
CA ASN A 147 3.36 -16.54 7.37
C ASN A 147 2.95 -16.89 5.95
N MET A 148 3.38 -16.09 4.99
CA MET A 148 3.04 -16.32 3.59
C MET A 148 4.28 -16.36 2.71
N VAL A 149 4.18 -17.06 1.58
CA VAL A 149 5.28 -17.18 0.63
C VAL A 149 4.85 -16.70 -0.76
N TRP A 150 5.62 -15.77 -1.32
CA TRP A 150 5.33 -15.22 -2.64
C TRP A 150 6.17 -15.93 -3.71
N LEU A 151 5.55 -16.86 -4.41
CA LEU A 151 6.22 -17.63 -5.45
C LEU A 151 6.38 -16.85 -6.74
N THR A 152 7.62 -16.61 -7.15
CA THR A 152 7.89 -16.01 -8.45
C THR A 152 8.72 -16.98 -9.30
N LYS A 153 9.18 -16.52 -10.46
CA LYS A 153 9.92 -17.38 -11.37
C LYS A 153 11.38 -17.55 -10.94
N LYS A 154 11.94 -18.71 -11.24
CA LYS A 154 13.35 -18.99 -10.99
C LYS A 154 14.02 -19.54 -12.25
N GLY A 155 15.09 -18.88 -12.67
CA GLY A 155 15.81 -19.27 -13.87
C GLY A 155 15.04 -18.91 -15.13
N SER A 156 14.32 -17.78 -15.08
CA SER A 156 13.44 -17.35 -16.15
C SER A 156 12.45 -18.43 -16.58
N ASP A 157 11.90 -19.14 -15.59
CA ASP A 157 10.92 -20.19 -15.85
C ASP A 157 10.06 -20.43 -14.62
N TYR A 158 8.75 -20.50 -14.83
CA TYR A 158 7.82 -20.82 -13.74
C TYR A 158 7.13 -22.13 -14.09
N PRO A 159 7.76 -23.26 -13.71
CA PRO A 159 7.13 -24.56 -13.88
C PRO A 159 6.03 -24.71 -12.84
N VAL A 160 5.01 -25.48 -13.14
CA VAL A 160 3.86 -25.64 -12.25
C VAL A 160 4.29 -26.01 -10.82
N ALA A 161 3.91 -25.16 -9.87
CA ALA A 161 4.24 -25.38 -8.47
C ALA A 161 3.17 -26.24 -7.80
N LYS A 162 3.59 -27.34 -7.21
CA LYS A 162 2.66 -28.19 -6.47
C LYS A 162 3.00 -28.19 -4.99
N GLY A 163 2.04 -28.59 -4.18
CA GLY A 163 2.23 -28.69 -2.75
C GLY A 163 1.06 -29.40 -2.11
N SER A 164 1.33 -30.25 -1.13
CA SER A 164 0.26 -30.91 -0.40
C SER A 164 0.59 -31.03 1.08
N TYR A 165 -0.46 -31.12 1.89
CA TYR A 165 -0.31 -31.36 3.31
C TYR A 165 -1.39 -32.32 3.82
N ASN A 166 -0.97 -33.48 4.28
CA ASN A 166 -1.86 -34.42 4.95
C ASN A 166 -1.91 -34.06 6.43
N ASN A 167 -3.10 -33.77 6.94
CA ASN A 167 -3.24 -33.24 8.29
C ASN A 167 -3.21 -34.29 9.42
N THR A 168 -2.19 -34.23 10.24
CA THR A 168 -2.13 -35.02 11.46
C THR A 168 -1.57 -34.20 12.61
N SER A 169 -2.43 -33.38 13.21
CA SER A 169 -2.07 -32.66 14.42
C SER A 169 -3.14 -32.99 15.46
N GLY A 170 -4.10 -33.80 15.02
CA GLY A 170 -5.17 -34.28 15.88
C GLY A 170 -6.28 -33.27 16.02
N GLU A 171 -6.18 -32.19 15.24
CA GLU A 171 -7.19 -31.15 15.25
C GLU A 171 -7.49 -30.59 13.88
N GLN A 172 -8.64 -29.95 13.76
CA GLN A 172 -9.02 -29.26 12.54
C GLN A 172 -8.07 -28.08 12.33
N MET A 173 -7.70 -27.83 11.08
CA MET A 173 -6.69 -26.81 10.78
C MET A 173 -7.16 -25.73 9.82
N LEU A 174 -6.99 -24.48 10.25
CA LEU A 174 -7.27 -23.32 9.42
C LEU A 174 -6.09 -23.06 8.49
N ILE A 175 -6.34 -23.01 7.19
CA ILE A 175 -5.29 -22.75 6.21
C ILE A 175 -5.66 -21.59 5.28
N ILE A 176 -4.74 -20.63 5.15
CA ILE A 176 -5.01 -19.42 4.37
C ILE A 176 -4.06 -19.32 3.18
N TRP A 177 -4.60 -19.06 1.99
CA TRP A 177 -3.77 -18.80 0.83
C TRP A 177 -4.23 -17.55 0.10
N GLY A 178 -3.50 -17.15 -0.93
CA GLY A 178 -3.85 -15.97 -1.70
C GLY A 178 -3.42 -16.03 -3.16
N VAL A 179 -4.07 -15.23 -3.99
CA VAL A 179 -3.62 -15.07 -5.38
C VAL A 179 -3.28 -13.60 -5.67
N HIS A 180 -2.41 -13.38 -6.65
CA HIS A 180 -1.98 -12.03 -7.01
C HIS A 180 -2.71 -11.51 -8.25
N HIS A 181 -3.31 -10.35 -8.12
CA HIS A 181 -3.96 -9.69 -9.26
C HIS A 181 -3.13 -8.49 -9.69
N PRO A 182 -2.34 -8.66 -10.76
CA PRO A 182 -1.40 -7.64 -11.25
C PRO A 182 -2.08 -6.39 -11.78
N ASN A 183 -1.33 -5.29 -11.83
CA ASN A 183 -1.80 -4.03 -12.38
C ASN A 183 -1.66 -3.98 -13.90
N ASP A 184 -0.69 -4.72 -14.42
CA ASP A 184 -0.39 -4.70 -15.84
C ASP A 184 0.26 -6.01 -16.28
N GLU A 185 0.22 -6.26 -17.59
CA GLU A 185 0.78 -7.48 -18.16
C GLU A 185 2.27 -7.57 -17.87
N THR A 186 2.92 -6.41 -17.78
CA THR A 186 4.36 -6.34 -17.60
C THR A 186 4.84 -7.02 -16.32
N GLU A 187 4.18 -6.74 -15.20
CA GLU A 187 4.56 -7.37 -13.94
C GLU A 187 4.16 -8.85 -13.93
N GLN A 188 3.13 -9.19 -14.69
CA GLN A 188 2.71 -10.59 -14.83
C GLN A 188 3.81 -11.39 -15.50
N ARG A 189 4.33 -10.85 -16.60
CA ARG A 189 5.39 -11.49 -17.36
C ARG A 189 6.69 -11.57 -16.59
N THR A 190 7.10 -10.45 -16.00
CA THR A 190 8.39 -10.39 -15.30
C THR A 190 8.43 -11.25 -14.04
N LEU A 191 7.28 -11.45 -13.40
CA LEU A 191 7.24 -12.20 -12.15
C LEU A 191 6.94 -13.68 -12.33
N TYR A 192 5.92 -14.00 -13.11
CA TYR A 192 5.46 -15.38 -13.22
C TYR A 192 5.73 -15.96 -14.61
N GLN A 193 6.43 -15.19 -15.44
CA GLN A 193 6.92 -15.63 -16.75
C GLN A 193 5.83 -15.91 -17.79
N ASN A 194 4.62 -16.20 -17.32
CA ASN A 194 3.53 -16.60 -18.19
C ASN A 194 2.25 -15.82 -17.95
N VAL A 195 1.42 -15.70 -18.98
CA VAL A 195 0.07 -15.19 -18.82
C VAL A 195 -0.88 -16.37 -18.98
N GLY A 196 -2.13 -16.20 -18.57
CA GLY A 196 -3.10 -17.28 -18.63
C GLY A 196 -2.78 -18.34 -17.59
N THR A 197 -2.36 -17.88 -16.42
CA THR A 197 -2.03 -18.78 -15.32
C THR A 197 -3.28 -19.09 -14.50
N TYR A 198 -3.13 -19.94 -13.49
CA TYR A 198 -4.26 -20.29 -12.62
C TYR A 198 -3.76 -20.78 -11.27
N VAL A 199 -4.58 -20.60 -10.24
CA VAL A 199 -4.29 -21.16 -8.92
C VAL A 199 -5.37 -22.16 -8.56
N SER A 200 -4.95 -23.37 -8.18
CA SER A 200 -5.91 -24.43 -7.87
CA SER A 200 -5.91 -24.42 -7.87
C SER A 200 -5.69 -25.00 -6.48
N VAL A 201 -6.76 -24.99 -5.68
CA VAL A 201 -6.72 -25.54 -4.33
C VAL A 201 -7.81 -26.58 -4.13
N GLY A 202 -7.43 -27.78 -3.73
CA GLY A 202 -8.40 -28.84 -3.53
C GLY A 202 -8.20 -29.66 -2.26
N THR A 203 -9.32 -30.02 -1.63
CA THR A 203 -9.34 -30.98 -0.53
C THR A 203 -10.43 -32.02 -0.78
N SER A 204 -10.89 -32.67 0.28
CA SER A 204 -11.99 -33.61 0.17
C SER A 204 -13.30 -32.88 -0.07
N THR A 205 -13.45 -31.74 0.59
CA THR A 205 -14.67 -30.93 0.47
C THR A 205 -14.47 -29.81 -0.53
N LEU A 206 -13.25 -29.30 -0.60
CA LEU A 206 -12.98 -28.08 -1.37
C LEU A 206 -12.47 -28.34 -2.78
N ASN A 207 -13.00 -27.56 -3.72
CA ASN A 207 -12.47 -27.51 -5.07
C ASN A 207 -12.59 -26.07 -5.60
N LYS A 208 -11.52 -25.31 -5.47
CA LYS A 208 -11.56 -23.91 -5.87
C LYS A 208 -10.44 -23.54 -6.83
N ARG A 209 -10.83 -22.90 -7.93
CA ARG A 209 -9.86 -22.45 -8.92
C ARG A 209 -10.01 -20.95 -9.15
N SER A 210 -8.88 -20.24 -9.14
CA SER A 210 -8.86 -18.81 -9.31
C SER A 210 -7.88 -18.42 -10.40
N THR A 211 -8.17 -17.33 -11.11
CA THR A 211 -7.30 -16.85 -12.17
C THR A 211 -6.77 -15.47 -11.84
N PRO A 212 -5.60 -15.10 -12.38
CA PRO A 212 -5.12 -13.73 -12.18
C PRO A 212 -6.00 -12.75 -12.94
N GLU A 213 -6.34 -11.63 -12.32
CA GLU A 213 -7.13 -10.62 -12.98
C GLU A 213 -6.28 -9.39 -13.21
N ILE A 214 -5.73 -9.29 -14.40
CA ILE A 214 -4.81 -8.21 -14.75
C ILE A 214 -5.58 -6.97 -15.22
N ALA A 215 -5.52 -5.90 -14.43
CA ALA A 215 -6.14 -4.63 -14.81
C ALA A 215 -5.58 -3.47 -13.99
N THR A 216 -5.69 -2.26 -14.53
CA THR A 216 -5.15 -1.08 -13.87
C THR A 216 -6.14 -0.50 -12.87
N ARG A 217 -5.72 -0.43 -11.61
CA ARG A 217 -6.58 0.06 -10.53
C ARG A 217 -5.95 1.26 -9.84
N PRO A 218 -6.77 2.06 -9.14
CA PRO A 218 -6.25 3.17 -8.34
C PRO A 218 -5.19 2.70 -7.36
N LYS A 219 -4.26 3.58 -7.01
CA LYS A 219 -3.12 3.19 -6.19
C LYS A 219 -3.44 3.17 -4.70
N VAL A 220 -3.26 1.99 -4.08
CA VAL A 220 -3.37 1.84 -2.64
C VAL A 220 -2.00 1.42 -2.11
N ASN A 221 -1.45 2.24 -1.22
CA ASN A 221 -0.05 2.10 -0.80
C ASN A 221 0.89 2.04 -1.99
N GLY A 222 0.55 2.78 -3.05
CA GLY A 222 1.41 2.90 -4.21
C GLY A 222 1.19 1.86 -5.27
N LEU A 223 0.53 0.76 -4.91
CA LEU A 223 0.31 -0.35 -5.84
C LEU A 223 -1.07 -0.30 -6.50
N GLY A 224 -1.11 -0.65 -7.78
CA GLY A 224 -2.37 -0.80 -8.49
C GLY A 224 -2.77 -2.25 -8.52
N SER A 225 -1.86 -3.12 -8.09
CA SER A 225 -2.13 -4.56 -8.04
C SER A 225 -2.82 -4.91 -6.72
N ARG A 226 -3.30 -6.14 -6.62
CA ARG A 226 -4.02 -6.59 -5.42
C ARG A 226 -3.62 -8.00 -5.01
N MET A 227 -3.90 -8.35 -3.76
CA MET A 227 -3.75 -9.74 -3.30
C MET A 227 -5.00 -10.24 -2.60
N GLU A 228 -5.69 -11.16 -3.26
CA GLU A 228 -6.95 -11.69 -2.76
C GLU A 228 -6.73 -12.99 -2.00
N PHE A 229 -7.13 -13.02 -0.74
CA PHE A 229 -6.94 -14.19 0.11
C PHE A 229 -8.22 -15.00 0.33
N SER A 230 -8.08 -16.30 0.37
CA SER A 230 -9.17 -17.21 0.73
C SER A 230 -8.68 -18.13 1.82
N TRP A 231 -9.61 -18.82 2.49
CA TRP A 231 -9.24 -19.71 3.59
C TRP A 231 -10.11 -20.96 3.61
N THR A 232 -9.71 -21.93 4.42
CA THR A 232 -10.48 -23.15 4.57
C THR A 232 -10.16 -23.85 5.89
N LEU A 233 -11.03 -24.78 6.29
CA LEU A 233 -10.77 -25.65 7.41
C LEU A 233 -10.46 -27.06 6.92
N LEU A 234 -9.18 -27.45 7.01
CA LEU A 234 -8.77 -28.79 6.63
C LEU A 234 -9.05 -29.75 7.76
N ASP A 235 -9.89 -30.76 7.49
CA ASP A 235 -10.28 -31.72 8.51
C ASP A 235 -9.10 -32.59 8.92
N MET A 236 -9.30 -33.39 9.96
CA MET A 236 -8.27 -34.32 10.40
C MET A 236 -8.10 -35.45 9.38
N TRP A 237 -6.85 -35.90 9.23
CA TRP A 237 -6.49 -36.97 8.30
C TRP A 237 -6.82 -36.66 6.84
N ASP A 238 -7.03 -35.39 6.54
CA ASP A 238 -7.37 -34.97 5.18
C ASP A 238 -6.21 -34.20 4.56
N THR A 239 -6.07 -34.33 3.24
CA THR A 239 -4.98 -33.70 2.52
C THR A 239 -5.48 -32.45 1.79
N ILE A 240 -4.60 -31.47 1.62
CA ILE A 240 -4.91 -30.29 0.83
C ILE A 240 -3.98 -30.29 -0.38
N ASN A 241 -4.44 -29.77 -1.51
CA ASN A 241 -3.60 -29.76 -2.71
C ASN A 241 -3.50 -28.40 -3.39
N PHE A 242 -2.33 -27.77 -3.25
CA PHE A 242 -2.05 -26.54 -3.99
C PHE A 242 -1.42 -26.88 -5.34
N GLU A 243 -1.86 -26.18 -6.38
CA GLU A 243 -1.35 -26.37 -7.74
C GLU A 243 -1.52 -25.09 -8.52
N SER A 244 -0.42 -24.50 -8.96
CA SER A 244 -0.49 -23.22 -9.66
C SER A 244 0.63 -22.98 -10.68
N THR A 245 0.27 -22.39 -11.81
CA THR A 245 1.21 -22.02 -12.85
C THR A 245 1.64 -20.56 -12.69
N GLY A 246 1.23 -19.96 -11.57
CA GLY A 246 1.59 -18.58 -11.28
C GLY A 246 0.62 -17.90 -10.34
N ASN A 247 1.06 -16.75 -9.83
CA ASN A 247 0.23 -15.86 -9.01
C ASN A 247 -0.16 -16.39 -7.63
N LEU A 248 0.28 -17.61 -7.29
CA LEU A 248 -0.04 -18.19 -6.00
C LEU A 248 0.75 -17.54 -4.87
N ILE A 249 0.06 -17.19 -3.80
CA ILE A 249 0.70 -16.75 -2.57
C ILE A 249 0.47 -17.81 -1.53
N ALA A 250 1.49 -18.62 -1.27
CA ALA A 250 1.33 -19.85 -0.51
C ALA A 250 1.45 -19.66 1.01
N PRO A 251 0.71 -20.49 1.77
CA PRO A 251 0.86 -20.54 3.22
C PRO A 251 2.11 -21.31 3.61
N GLU A 252 2.81 -20.81 4.62
CA GLU A 252 3.93 -21.53 5.19
C GLU A 252 3.47 -22.19 6.47
N TYR A 253 2.40 -21.64 7.06
CA TYR A 253 1.86 -22.14 8.32
C TYR A 253 0.36 -22.42 8.26
N GLY A 254 -0.08 -23.34 9.12
CA GLY A 254 -1.49 -23.59 9.34
C GLY A 254 -1.82 -23.35 10.80
N PHE A 255 -3.10 -23.39 11.15
CA PHE A 255 -3.52 -23.14 12.53
C PHE A 255 -4.43 -24.24 13.07
N LYS A 256 -3.96 -24.97 14.08
CA LYS A 256 -4.81 -25.93 14.76
C LYS A 256 -5.91 -25.18 15.50
N ILE A 257 -7.12 -25.72 15.48
CA ILE A 257 -8.25 -25.00 16.07
C ILE A 257 -9.28 -25.92 16.74
N SER A 258 -9.92 -25.40 17.79
CA SER A 258 -10.98 -26.11 18.51
C SER A 258 -12.01 -25.10 19.00
N LYS A 259 -13.28 -25.50 19.01
CA LYS A 259 -14.33 -24.62 19.48
C LYS A 259 -15.37 -25.37 20.33
N ARG A 260 -15.63 -24.84 21.52
CA ARG A 260 -16.76 -25.31 22.33
C ARG A 260 -17.98 -24.49 21.98
N GLY A 261 -17.75 -23.31 21.44
CA GLY A 261 -18.82 -22.38 21.11
C GLY A 261 -18.24 -21.11 20.53
N SER A 262 -19.10 -20.19 20.12
CA SER A 262 -18.64 -18.95 19.49
C SER A 262 -18.76 -17.77 20.45
N SER A 263 -18.28 -16.62 20.01
CA SER A 263 -18.33 -15.41 20.83
C SER A 263 -18.46 -14.17 19.96
N GLY A 264 -17.82 -13.08 20.37
CA GLY A 264 -17.92 -11.82 19.65
C GLY A 264 -16.64 -11.00 19.69
N ILE A 265 -16.68 -9.83 19.08
CA ILE A 265 -15.53 -8.94 19.03
C ILE A 265 -15.89 -7.56 19.55
N MET A 266 -15.10 -7.08 20.51
CA MET A 266 -15.42 -5.87 21.25
C MET A 266 -14.40 -4.77 21.00
N LYS A 267 -14.89 -3.56 20.74
CA LYS A 267 -14.01 -2.40 20.54
C LYS A 267 -14.02 -1.53 21.80
N THR A 268 -12.85 -1.34 22.40
CA THR A 268 -12.75 -0.64 23.68
C THR A 268 -11.70 0.45 23.70
N GLU A 269 -10.52 0.13 23.16
CA GLU A 269 -9.35 1.02 23.16
C GLU A 269 -8.79 1.20 24.58
N GLY A 270 -8.25 0.13 25.15
CA GLY A 270 -7.61 0.26 26.45
C GLY A 270 -7.77 -0.79 27.53
N THR A 271 -6.62 -1.21 28.05
CA THR A 271 -6.49 -1.85 29.36
C THR A 271 -7.31 -3.10 29.66
N LEU A 272 -6.71 -4.27 29.47
CA LEU A 272 -7.25 -5.51 30.02
C LEU A 272 -6.73 -5.66 31.44
N GLU A 273 -7.65 -5.84 32.38
CA GLU A 273 -7.29 -5.93 33.80
C GLU A 273 -7.64 -7.30 34.36
N ASN A 274 -6.95 -7.69 35.43
CA ASN A 274 -7.17 -8.99 36.04
C ASN A 274 -8.43 -9.07 36.91
N CYS A 275 -9.46 -9.73 36.40
CA CYS A 275 -10.70 -9.96 37.13
C CYS A 275 -11.56 -10.96 36.39
N GLU A 276 -12.61 -11.45 37.04
CA GLU A 276 -13.51 -12.41 36.42
C GLU A 276 -14.92 -11.84 36.33
N THR A 277 -15.54 -11.97 35.16
CA THR A 277 -16.92 -11.55 34.98
C THR A 277 -17.67 -12.52 34.09
N LYS A 278 -18.98 -12.64 34.29
CA LYS A 278 -19.80 -13.52 33.48
C LYS A 278 -20.40 -12.73 32.32
N CYS A 279 -20.50 -11.42 32.50
CA CYS A 279 -20.98 -10.54 31.44
C CYS A 279 -20.02 -9.37 31.23
N GLN A 280 -19.68 -9.11 29.97
CA GLN A 280 -18.73 -8.06 29.64
C GLN A 280 -19.34 -7.06 28.66
N THR A 281 -19.16 -5.77 28.93
CA THR A 281 -19.61 -4.72 28.02
C THR A 281 -18.43 -3.79 27.69
N PRO A 282 -18.52 -3.05 26.57
CA PRO A 282 -17.49 -2.06 26.23
C PRO A 282 -17.25 -1.03 27.33
N LEU A 283 -18.27 -0.72 28.12
CA LEU A 283 -18.14 0.26 29.19
C LEU A 283 -17.71 -0.36 30.51
N GLY A 284 -17.60 -1.69 30.57
CA GLY A 284 -17.18 -2.36 31.77
C GLY A 284 -17.79 -3.74 31.98
N ALA A 285 -17.66 -4.27 33.19
CA ALA A 285 -18.26 -5.55 33.56
C ALA A 285 -19.51 -5.32 34.42
N ILE A 286 -20.29 -6.36 34.62
CA ILE A 286 -21.52 -6.26 35.42
C ILE A 286 -21.76 -7.48 36.31
N ASN A 287 -22.48 -7.27 37.41
CA ASN A 287 -22.62 -8.26 38.47
C ASN A 287 -23.55 -9.44 38.12
N THR A 288 -24.32 -9.30 37.04
CA THR A 288 -25.18 -10.36 36.49
C THR A 288 -26.32 -10.88 37.39
N THR A 289 -26.37 -10.41 38.64
CA THR A 289 -27.35 -10.89 39.62
C THR A 289 -28.80 -10.51 39.28
N LEU A 290 -28.99 -9.28 38.83
CA LEU A 290 -30.33 -8.76 38.53
C LEU A 290 -30.78 -9.13 37.11
N PRO A 291 -32.10 -9.15 36.87
CA PRO A 291 -32.60 -9.53 35.55
C PRO A 291 -32.47 -8.46 34.46
N PHE A 292 -32.24 -7.20 34.83
CA PHE A 292 -32.19 -6.14 33.83
C PHE A 292 -30.98 -5.22 33.98
N HIS A 293 -30.51 -4.69 32.85
CA HIS A 293 -29.42 -3.71 32.85
C HIS A 293 -29.66 -2.69 31.75
N ASN A 294 -29.10 -1.50 31.92
CA ASN A 294 -29.25 -0.43 30.92
C ASN A 294 -27.89 0.11 30.48
N VAL A 295 -26.85 -0.66 30.78
CA VAL A 295 -25.48 -0.23 30.54
C VAL A 295 -25.16 -0.06 29.05
N HIS A 296 -25.07 -1.17 28.34
CA HIS A 296 -24.68 -1.13 26.93
C HIS A 296 -25.29 -2.27 26.12
N PRO A 297 -25.82 -1.94 24.93
CA PRO A 297 -26.46 -2.91 24.03
C PRO A 297 -25.50 -4.01 23.57
N LEU A 298 -24.30 -3.62 23.14
CA LEU A 298 -23.29 -4.57 22.73
C LEU A 298 -22.75 -5.27 23.96
N THR A 299 -22.86 -6.59 23.98
CA THR A 299 -22.61 -7.35 25.20
C THR A 299 -22.12 -8.76 24.89
N ILE A 300 -21.27 -9.30 25.77
CA ILE A 300 -20.83 -10.69 25.63
C ILE A 300 -20.87 -11.42 26.97
N GLY A 301 -21.57 -12.55 27.01
CA GLY A 301 -21.63 -13.37 28.20
C GLY A 301 -23.03 -13.74 28.62
N GLU A 302 -23.16 -14.32 29.82
CA GLU A 302 -24.46 -14.59 30.41
C GLU A 302 -24.97 -13.31 31.02
N CYS A 303 -25.83 -12.60 30.30
CA CYS A 303 -26.14 -11.22 30.62
C CYS A 303 -27.62 -10.96 30.91
N PRO A 304 -27.90 -9.93 31.72
CA PRO A 304 -29.28 -9.49 31.97
C PRO A 304 -29.90 -8.90 30.72
N ARG A 305 -31.22 -8.75 30.73
CA ARG A 305 -31.94 -8.21 29.58
C ARG A 305 -31.73 -6.71 29.47
N TYR A 306 -31.35 -6.26 28.28
CA TYR A 306 -31.15 -4.84 28.05
C TYR A 306 -32.49 -4.14 27.88
N VAL A 307 -32.71 -3.11 28.69
CA VAL A 307 -33.93 -2.32 28.61
C VAL A 307 -33.61 -0.83 28.53
N LYS A 308 -34.60 -0.05 28.12
CA LYS A 308 -34.42 1.39 27.91
C LYS A 308 -34.65 2.17 29.20
N SER A 309 -35.04 1.47 30.25
CA SER A 309 -35.38 2.08 31.54
C SER A 309 -34.19 2.77 32.20
N GLU A 310 -34.46 3.86 32.91
CA GLU A 310 -33.43 4.55 33.68
C GLU A 310 -33.43 4.03 35.11
N LYS A 311 -34.57 3.54 35.56
CA LYS A 311 -34.70 2.98 36.89
C LYS A 311 -35.84 1.98 36.97
N LEU A 312 -35.59 0.87 37.67
CA LEU A 312 -36.63 -0.13 37.93
C LEU A 312 -36.61 -0.49 39.41
N VAL A 313 -37.42 0.23 40.19
CA VAL A 313 -37.39 0.08 41.63
C VAL A 313 -38.63 -0.64 42.17
N LEU A 314 -38.42 -1.80 42.78
CA LEU A 314 -39.49 -2.53 43.45
C LEU A 314 -39.67 -2.01 44.86
N ALA A 315 -40.92 -1.94 45.31
CA ALA A 315 -41.20 -1.58 46.69
C ALA A 315 -41.20 -2.85 47.53
N THR A 316 -40.42 -2.83 48.61
CA THR A 316 -40.39 -3.95 49.54
C THR A 316 -41.12 -3.58 50.83
N GLY A 317 -40.82 -2.40 51.34
CA GLY A 317 -41.48 -1.90 52.53
C GLY A 317 -42.84 -1.32 52.22
N LEU A 318 -43.41 -0.58 53.15
CA LEU A 318 -44.74 -0.02 52.97
C LEU A 318 -44.70 1.47 52.63
N ARG A 319 -45.88 2.06 52.44
CA ARG A 319 -45.97 3.49 52.15
C ARG A 319 -45.50 4.30 53.36
N ASN A 320 -44.67 5.31 53.10
CA ASN A 320 -44.10 6.11 54.18
C ASN A 320 -44.96 7.33 54.51
N VAL A 321 -45.57 7.31 55.69
CA VAL A 321 -46.47 8.38 56.13
C VAL A 321 -46.04 8.91 57.49
N PRO A 322 -45.96 10.25 57.63
CA PRO A 322 -45.64 10.89 58.92
C PRO A 322 -46.86 11.00 59.83
N GLY B 1 -55.17 2.80 51.19
CA GLY B 1 -55.01 2.17 49.89
C GLY B 1 -56.26 1.42 49.47
N LEU B 2 -56.12 0.12 49.24
CA LEU B 2 -57.25 -0.69 48.81
C LEU B 2 -58.09 -1.16 50.00
N PHE B 3 -57.43 -1.40 51.12
CA PHE B 3 -58.12 -1.87 52.33
C PHE B 3 -58.30 -0.74 53.33
N GLY B 4 -57.92 0.46 52.92
CA GLY B 4 -58.24 1.67 53.66
C GLY B 4 -57.58 1.86 55.00
N ALA B 5 -56.52 1.10 55.28
CA ALA B 5 -55.79 1.27 56.53
C ALA B 5 -54.70 2.32 56.39
N ILE B 6 -53.63 1.97 55.66
CA ILE B 6 -52.52 2.89 55.43
C ILE B 6 -52.98 4.10 54.64
N ALA B 7 -52.69 5.30 55.16
CA ALA B 7 -53.20 6.56 54.63
C ALA B 7 -54.73 6.54 54.53
N GLY B 8 -55.36 5.75 55.39
CA GLY B 8 -56.81 5.62 55.38
C GLY B 8 -57.43 6.09 56.68
N PHE B 9 -58.12 5.21 57.38
CA PHE B 9 -58.68 5.56 58.68
C PHE B 9 -57.58 5.61 59.73
N ILE B 10 -56.45 4.98 59.41
CA ILE B 10 -55.23 5.13 60.19
C ILE B 10 -54.35 6.11 59.43
N GLU B 11 -54.38 7.37 59.84
CA GLU B 11 -53.76 8.45 59.06
C GLU B 11 -52.26 8.32 58.89
N GLY B 12 -51.52 8.30 59.99
CA GLY B 12 -50.07 8.33 59.93
C GLY B 12 -49.38 7.03 60.29
N GLY B 13 -48.06 7.03 60.13
CA GLY B 13 -47.24 5.90 60.52
C GLY B 13 -46.49 6.23 61.80
N TRP B 14 -45.89 5.21 62.41
CA TRP B 14 -45.21 5.40 63.69
C TRP B 14 -43.69 5.36 63.53
N GLN B 15 -43.07 6.52 63.70
CA GLN B 15 -41.61 6.62 63.67
C GLN B 15 -41.01 5.86 64.85
N GLY B 16 -41.76 5.80 65.95
CA GLY B 16 -41.26 5.24 67.19
C GLY B 16 -41.12 3.72 67.19
N MET B 17 -41.69 3.08 66.18
CA MET B 17 -41.59 1.63 66.08
C MET B 17 -40.52 1.22 65.07
N VAL B 18 -39.37 0.79 65.58
CA VAL B 18 -38.30 0.32 64.73
C VAL B 18 -38.28 -1.21 64.73
N ASP B 19 -39.15 -1.78 65.55
CA ASP B 19 -39.15 -3.22 65.83
C ASP B 19 -39.65 -4.07 64.66
N GLY B 20 -40.59 -3.54 63.90
CA GLY B 20 -41.21 -4.29 62.83
C GLY B 20 -42.07 -3.45 61.91
N TRP B 21 -42.83 -4.12 61.05
CA TRP B 21 -43.67 -3.43 60.07
C TRP B 21 -45.03 -3.02 60.64
N TYR B 22 -45.66 -3.93 61.38
CA TYR B 22 -46.93 -3.64 62.02
C TYR B 22 -46.87 -3.97 63.51
N GLY B 23 -47.45 -3.10 64.33
CA GLY B 23 -47.43 -3.32 65.77
C GLY B 23 -48.52 -2.58 66.53
N TYR B 24 -48.38 -2.53 67.84
CA TYR B 24 -49.37 -1.91 68.71
C TYR B 24 -48.80 -0.67 69.40
N HIS B 25 -49.70 0.21 69.85
CA HIS B 25 -49.34 1.26 70.78
C HIS B 25 -50.33 1.26 71.94
N HIS B 26 -49.84 1.05 73.14
CA HIS B 26 -50.72 1.02 74.31
C HIS B 26 -50.50 2.24 75.18
N SER B 27 -51.58 2.76 75.74
CA SER B 27 -51.52 3.92 76.62
C SER B 27 -52.36 3.69 77.86
N ASN B 28 -51.71 3.41 78.98
CA ASN B 28 -52.43 3.09 80.21
C ASN B 28 -51.86 3.76 81.45
N ASP B 29 -52.29 3.29 82.61
CA ASP B 29 -51.86 3.85 83.88
C ASP B 29 -50.36 3.63 84.16
N GLN B 30 -49.87 2.45 83.81
CA GLN B 30 -48.45 2.15 83.95
C GLN B 30 -47.60 3.07 83.08
N GLY B 31 -47.80 3.01 81.77
CA GLY B 31 -47.05 3.84 80.85
C GLY B 31 -47.29 3.47 79.41
N SER B 32 -47.04 4.43 78.51
CA SER B 32 -47.22 4.19 77.09
C SER B 32 -45.99 3.57 76.44
N GLY B 33 -46.08 3.27 75.16
CA GLY B 33 -44.99 2.63 74.44
C GLY B 33 -45.44 1.81 73.25
N TYR B 34 -44.49 1.46 72.39
CA TYR B 34 -44.77 0.69 71.18
C TYR B 34 -44.28 -0.74 71.32
N ALA B 35 -44.82 -1.62 70.48
CA ALA B 35 -44.40 -3.01 70.42
C ALA B 35 -44.82 -3.60 69.08
N ALA B 36 -43.97 -4.41 68.49
CA ALA B 36 -44.24 -4.96 67.17
C ALA B 36 -45.07 -6.23 67.25
N ASP B 37 -45.53 -6.69 66.08
CA ASP B 37 -46.18 -7.99 65.97
C ASP B 37 -45.30 -8.91 65.12
N LYS B 38 -44.52 -9.75 65.79
CA LYS B 38 -43.53 -10.58 65.12
C LYS B 38 -44.13 -11.53 64.08
N GLU B 39 -45.29 -12.12 64.39
CA GLU B 39 -45.94 -13.05 63.49
C GLU B 39 -46.28 -12.42 62.15
N SER B 40 -47.08 -11.35 62.18
CA SER B 40 -47.53 -10.70 60.96
C SER B 40 -46.38 -10.10 60.18
N THR B 41 -45.44 -9.48 60.89
CA THR B 41 -44.29 -8.86 60.24
C THR B 41 -43.41 -9.89 59.56
N GLN B 42 -43.10 -10.98 60.24
CA GLN B 42 -42.24 -12.01 59.67
C GLN B 42 -42.90 -12.72 58.50
N LYS B 43 -44.20 -12.93 58.59
CA LYS B 43 -44.95 -13.53 57.47
C LYS B 43 -44.81 -12.66 56.23
N ALA B 44 -45.01 -11.36 56.41
CA ALA B 44 -44.91 -10.40 55.32
C ALA B 44 -43.50 -10.39 54.75
N PHE B 45 -42.51 -10.41 55.63
CA PHE B 45 -41.11 -10.39 55.21
C PHE B 45 -40.78 -11.61 54.36
N ASP B 46 -41.28 -12.77 54.79
CA ASP B 46 -41.02 -14.02 54.08
C ASP B 46 -41.67 -13.99 52.70
N GLY B 47 -42.87 -13.43 52.62
CA GLY B 47 -43.58 -13.31 51.37
C GLY B 47 -42.92 -12.31 50.43
N ILE B 48 -42.53 -11.18 50.98
CA ILE B 48 -41.88 -10.12 50.18
C ILE B 48 -40.54 -10.58 49.61
N THR B 49 -39.70 -11.19 50.44
CA THR B 49 -38.42 -11.70 49.95
C THR B 49 -38.66 -12.80 48.92
N ASN B 50 -39.71 -13.58 49.12
CA ASN B 50 -40.09 -14.60 48.16
C ASN B 50 -40.58 -13.97 46.86
N LYS B 51 -41.05 -12.73 46.95
CA LYS B 51 -41.54 -12.01 45.79
C LYS B 51 -40.40 -11.51 44.93
N VAL B 52 -39.47 -10.78 45.55
CA VAL B 52 -38.34 -10.24 44.79
C VAL B 52 -37.41 -11.36 44.33
N ASN B 53 -37.40 -12.48 45.05
CA ASN B 53 -36.65 -13.66 44.60
C ASN B 53 -37.32 -14.29 43.41
N SER B 54 -38.63 -14.08 43.28
CA SER B 54 -39.37 -14.63 42.15
C SER B 54 -39.08 -13.88 40.85
N VAL B 55 -39.08 -12.54 40.92
CA VAL B 55 -38.88 -11.73 39.71
C VAL B 55 -37.40 -11.69 39.32
N ILE B 56 -36.53 -12.12 40.23
CA ILE B 56 -35.10 -12.14 39.94
C ILE B 56 -34.62 -13.53 39.53
N GLU B 57 -34.92 -14.53 40.34
CA GLU B 57 -34.38 -15.88 40.11
C GLU B 57 -35.03 -16.61 38.93
N LYS B 58 -36.22 -16.18 38.54
CA LYS B 58 -36.95 -16.87 37.46
C LYS B 58 -36.51 -16.43 36.07
N MET B 59 -35.59 -15.48 36.00
CA MET B 59 -35.07 -15.00 34.73
C MET B 59 -34.06 -15.98 34.14
N ASN B 60 -34.20 -16.26 32.85
CA ASN B 60 -33.32 -17.20 32.17
C ASN B 60 -31.95 -16.61 31.85
N THR B 61 -30.94 -17.47 31.89
CA THR B 61 -29.55 -17.02 31.74
C THR B 61 -29.18 -16.76 30.29
N GLN B 62 -28.82 -17.83 29.58
CA GLN B 62 -28.55 -17.79 28.14
C GLN B 62 -27.33 -16.95 27.77
N PHE B 63 -26.19 -17.61 27.57
CA PHE B 63 -24.97 -16.95 27.10
C PHE B 63 -25.15 -16.52 25.65
N GLU B 64 -25.01 -15.23 25.38
CA GLU B 64 -25.07 -14.73 24.02
C GLU B 64 -23.98 -13.71 23.76
N ALA B 65 -23.76 -13.39 22.49
CA ALA B 65 -22.78 -12.40 22.10
C ALA B 65 -23.38 -11.40 21.13
N VAL B 66 -23.70 -10.21 21.64
CA VAL B 66 -24.32 -9.17 20.82
C VAL B 66 -23.27 -8.35 20.09
N GLY B 67 -23.45 -8.20 18.78
CA GLY B 67 -22.48 -7.50 17.97
C GLY B 67 -22.93 -7.37 16.53
N LYS B 68 -22.08 -6.77 15.71
CA LYS B 68 -22.41 -6.48 14.32
C LYS B 68 -22.34 -7.71 13.42
N GLU B 69 -21.14 -8.30 13.35
CA GLU B 69 -20.87 -9.52 12.58
C GLU B 69 -21.34 -9.54 11.11
N PHE B 70 -21.85 -8.43 10.61
CA PHE B 70 -22.31 -8.34 9.22
C PHE B 70 -21.72 -7.15 8.50
N SER B 71 -21.04 -7.42 7.38
CA SER B 71 -20.35 -6.39 6.62
C SER B 71 -21.29 -5.47 5.87
N ASN B 72 -20.72 -4.56 5.08
CA ASN B 72 -21.50 -3.65 4.25
C ASN B 72 -21.96 -4.30 2.96
N LEU B 73 -21.42 -5.50 2.69
CA LEU B 73 -21.89 -6.31 1.59
C LEU B 73 -23.33 -6.73 1.88
N GLU B 74 -23.61 -6.94 3.16
CA GLU B 74 -24.93 -7.39 3.61
C GLU B 74 -25.55 -6.40 4.58
N ARG B 75 -26.24 -5.40 4.05
CA ARG B 75 -26.91 -4.41 4.88
C ARG B 75 -28.34 -4.83 5.20
N ARG B 76 -28.82 -5.85 4.49
CA ARG B 76 -30.16 -6.38 4.74
C ARG B 76 -30.15 -7.27 5.97
N LEU B 77 -29.05 -8.01 6.12
CA LEU B 77 -28.89 -8.88 7.27
C LEU B 77 -28.55 -8.08 8.52
N GLU B 78 -27.87 -6.94 8.34
CA GLU B 78 -27.66 -5.98 9.41
C GLU B 78 -29.01 -5.51 9.93
N ASN B 79 -29.84 -5.02 9.01
CA ASN B 79 -31.17 -4.52 9.33
C ASN B 79 -32.04 -5.59 10.00
N LEU B 80 -31.84 -6.83 9.59
CA LEU B 80 -32.55 -7.96 10.21
C LEU B 80 -32.13 -8.09 11.67
N ASN B 81 -30.82 -8.13 11.90
CA ASN B 81 -30.26 -8.20 13.25
C ASN B 81 -30.74 -7.02 14.11
N LYS B 82 -30.86 -5.86 13.49
CA LYS B 82 -31.31 -4.66 14.19
C LYS B 82 -32.80 -4.73 14.57
N LYS B 83 -33.62 -5.21 13.64
CA LYS B 83 -35.04 -5.44 13.91
C LYS B 83 -35.22 -6.38 15.09
N MET B 84 -34.38 -7.42 15.13
CA MET B 84 -34.48 -8.43 16.17
C MET B 84 -34.11 -7.86 17.54
N GLU B 85 -32.95 -7.21 17.60
CA GLU B 85 -32.48 -6.57 18.83
C GLU B 85 -33.54 -5.63 19.39
N ASP B 86 -33.99 -4.72 18.54
CA ASP B 86 -34.96 -3.71 18.96
C ASP B 86 -36.28 -4.33 19.34
N GLY B 87 -36.69 -5.34 18.59
CA GLY B 87 -37.92 -6.06 18.87
C GLY B 87 -37.95 -6.60 20.28
N PHE B 88 -36.86 -7.24 20.69
CA PHE B 88 -36.74 -7.77 22.05
C PHE B 88 -36.60 -6.64 23.06
N LEU B 89 -35.87 -5.60 22.68
CA LEU B 89 -35.68 -4.44 23.54
C LEU B 89 -37.03 -3.82 23.91
N ASP B 90 -37.89 -3.66 22.91
CA ASP B 90 -39.21 -3.11 23.14
C ASP B 90 -40.05 -4.04 24.00
N VAL B 91 -39.88 -5.35 23.80
CA VAL B 91 -40.59 -6.35 24.57
C VAL B 91 -40.16 -6.35 26.04
N TRP B 92 -38.85 -6.37 26.27
CA TRP B 92 -38.35 -6.44 27.64
C TRP B 92 -38.55 -5.13 28.40
N THR B 93 -38.39 -4.00 27.72
CA THR B 93 -38.59 -2.70 28.36
C THR B 93 -40.03 -2.56 28.84
N TYR B 94 -40.97 -2.73 27.92
CA TYR B 94 -42.39 -2.61 28.22
C TYR B 94 -42.82 -3.60 29.31
N ASN B 95 -42.44 -4.85 29.15
CA ASN B 95 -42.81 -5.88 30.11
C ASN B 95 -42.22 -5.64 31.50
N ALA B 96 -40.96 -5.21 31.55
CA ALA B 96 -40.30 -4.95 32.82
C ALA B 96 -40.92 -3.76 33.57
N GLU B 97 -41.20 -2.68 32.86
CA GLU B 97 -41.75 -1.49 33.49
C GLU B 97 -43.15 -1.73 34.05
N LEU B 98 -44.01 -2.33 33.25
CA LEU B 98 -45.36 -2.66 33.70
C LEU B 98 -45.35 -3.69 34.82
N LEU B 99 -44.40 -4.63 34.76
CA LEU B 99 -44.23 -5.60 35.82
C LEU B 99 -43.97 -4.90 37.16
N VAL B 100 -43.04 -3.97 37.15
CA VAL B 100 -42.66 -3.25 38.37
C VAL B 100 -43.83 -2.43 38.93
N LEU B 101 -44.54 -1.74 38.05
CA LEU B 101 -45.69 -0.95 38.46
C LEU B 101 -46.75 -1.83 39.11
N MET B 102 -47.16 -2.88 38.41
CA MET B 102 -48.22 -3.76 38.89
C MET B 102 -47.81 -4.45 40.19
N GLU B 103 -46.53 -4.76 40.32
CA GLU B 103 -46.04 -5.49 41.48
C GLU B 103 -45.96 -4.58 42.71
N ASN B 104 -45.61 -3.31 42.47
CA ASN B 104 -45.56 -2.32 43.53
C ASN B 104 -46.95 -1.99 44.05
N GLU B 105 -47.92 -1.89 43.14
CA GLU B 105 -49.31 -1.69 43.52
C GLU B 105 -49.76 -2.84 44.42
N ARG B 106 -49.45 -4.06 44.01
CA ARG B 106 -49.82 -5.25 44.80
C ARG B 106 -49.15 -5.25 46.16
N THR B 107 -47.87 -4.88 46.20
CA THR B 107 -47.12 -4.85 47.45
C THR B 107 -47.71 -3.87 48.47
N LEU B 108 -48.00 -2.65 48.03
CA LEU B 108 -48.58 -1.66 48.93
C LEU B 108 -49.94 -2.11 49.45
N ASP B 109 -50.77 -2.65 48.55
CA ASP B 109 -52.05 -3.22 48.93
C ASP B 109 -51.89 -4.40 49.87
N PHE B 110 -50.84 -5.17 49.66
CA PHE B 110 -50.55 -6.32 50.50
C PHE B 110 -50.29 -5.90 51.95
N HIS B 111 -49.50 -4.84 52.10
CA HIS B 111 -49.22 -4.27 53.42
C HIS B 111 -50.50 -3.75 54.07
N ASP B 112 -51.30 -3.06 53.26
CA ASP B 112 -52.57 -2.50 53.71
C ASP B 112 -53.44 -3.62 54.29
N SER B 113 -53.55 -4.71 53.54
CA SER B 113 -54.35 -5.85 53.96
C SER B 113 -53.86 -6.39 55.31
N ASN B 114 -52.54 -6.44 55.48
CA ASN B 114 -51.95 -6.96 56.71
C ASN B 114 -52.31 -6.12 57.94
N VAL B 115 -52.25 -4.81 57.81
CA VAL B 115 -52.59 -3.92 58.91
C VAL B 115 -54.08 -4.04 59.24
N LYS B 116 -54.91 -3.97 58.20
CA LYS B 116 -56.35 -4.09 58.35
C LYS B 116 -56.71 -5.40 59.03
N ASN B 117 -56.08 -6.48 58.60
CA ASN B 117 -56.32 -7.80 59.19
C ASN B 117 -55.96 -7.88 60.66
N LEU B 118 -54.90 -7.19 61.05
CA LEU B 118 -54.50 -7.14 62.46
C LEU B 118 -55.51 -6.32 63.25
N TYR B 119 -56.03 -5.27 62.63
CA TYR B 119 -57.04 -4.42 63.24
C TYR B 119 -58.31 -5.22 63.51
N ASP B 120 -58.72 -6.00 62.50
CA ASP B 120 -59.93 -6.81 62.61
C ASP B 120 -59.76 -7.93 63.63
N LYS B 121 -58.56 -8.51 63.67
CA LYS B 121 -58.25 -9.56 64.64
C LYS B 121 -58.40 -9.01 66.06
N VAL B 122 -57.91 -7.80 66.28
CA VAL B 122 -58.01 -7.16 67.59
C VAL B 122 -59.45 -6.82 67.93
N ARG B 123 -60.13 -6.11 67.02
CA ARG B 123 -61.50 -5.68 67.27
C ARG B 123 -62.43 -6.85 67.51
N MET B 124 -62.19 -7.95 66.81
CA MET B 124 -63.05 -9.13 66.90
C MET B 124 -62.90 -9.77 68.28
N GLN B 125 -61.74 -9.55 68.88
CA GLN B 125 -61.44 -10.13 70.18
C GLN B 125 -61.95 -9.25 71.32
N LEU B 126 -61.83 -7.93 71.16
CA LEU B 126 -62.22 -6.99 72.20
C LEU B 126 -63.72 -6.80 72.30
N ARG B 127 -64.40 -6.90 71.17
CA ARG B 127 -65.85 -6.67 71.10
C ARG B 127 -66.27 -5.31 71.64
N ASP B 128 -67.34 -5.28 72.42
CA ASP B 128 -67.94 -4.02 72.87
C ASP B 128 -67.38 -3.54 74.21
N ASN B 129 -66.32 -4.20 74.69
CA ASN B 129 -65.63 -3.77 75.89
C ASN B 129 -64.86 -2.48 75.67
N VAL B 130 -64.72 -2.09 74.41
CA VAL B 130 -63.97 -0.89 74.05
C VAL B 130 -64.77 0.01 73.13
N LYS B 131 -64.40 1.29 73.10
CA LYS B 131 -64.99 2.24 72.18
C LYS B 131 -64.08 2.37 70.96
N GLU B 132 -64.56 1.91 69.81
CA GLU B 132 -63.78 2.00 68.58
C GLU B 132 -63.69 3.46 68.13
N LEU B 133 -62.50 4.03 68.26
CA LEU B 133 -62.30 5.46 67.99
C LEU B 133 -62.28 5.80 66.50
N GLY B 134 -61.96 4.80 65.68
CA GLY B 134 -62.00 4.98 64.24
C GLY B 134 -60.69 5.45 63.64
N ASN B 135 -59.76 5.84 64.50
CA ASN B 135 -58.44 6.25 64.04
C ASN B 135 -57.44 5.10 64.10
N GLY B 136 -57.92 3.94 64.52
CA GLY B 136 -57.08 2.77 64.67
C GLY B 136 -56.89 2.40 66.12
N CYS B 137 -57.54 3.14 67.01
CA CYS B 137 -57.41 2.90 68.45
C CYS B 137 -58.70 2.35 69.06
N PHE B 138 -58.56 1.76 70.25
CA PHE B 138 -59.69 1.28 71.02
C PHE B 138 -59.58 1.82 72.43
N GLU B 139 -60.59 2.57 72.87
CA GLU B 139 -60.60 3.07 74.24
C GLU B 139 -61.39 2.12 75.12
N PHE B 140 -60.73 1.59 76.15
CA PHE B 140 -61.36 0.60 77.02
C PHE B 140 -62.45 1.20 77.89
N TYR B 141 -63.57 0.47 78.02
CA TYR B 141 -64.64 0.87 78.93
C TYR B 141 -64.33 0.40 80.33
N HIS B 142 -63.19 -0.28 80.49
CA HIS B 142 -62.71 -0.65 81.79
C HIS B 142 -61.25 -0.23 81.95
N LYS B 143 -60.62 -0.67 83.03
CA LYS B 143 -59.24 -0.33 83.27
C LYS B 143 -58.34 -1.52 82.93
N CYS B 144 -57.67 -1.44 81.80
CA CYS B 144 -56.70 -2.44 81.40
C CYS B 144 -55.31 -2.05 81.90
N ASP B 145 -54.41 -3.02 81.98
CA ASP B 145 -53.05 -2.76 82.41
C ASP B 145 -52.05 -3.57 81.59
N ASP B 146 -50.76 -3.38 81.85
CA ASP B 146 -49.69 -4.07 81.11
C ASP B 146 -49.89 -5.58 81.09
N GLU B 147 -50.49 -6.10 82.16
CA GLU B 147 -50.79 -7.53 82.25
C GLU B 147 -51.99 -7.88 81.39
N CYS B 148 -52.88 -6.91 81.20
CA CYS B 148 -54.06 -7.10 80.36
C CYS B 148 -53.76 -6.80 78.89
N MET B 149 -52.91 -5.82 78.66
CA MET B 149 -52.50 -5.44 77.30
C MET B 149 -51.83 -6.61 76.60
N ASN B 150 -50.90 -7.25 77.31
CA ASN B 150 -50.18 -8.40 76.78
C ASN B 150 -51.13 -9.54 76.44
N SER B 151 -52.23 -9.62 77.18
CA SER B 151 -53.25 -10.62 76.94
C SER B 151 -53.95 -10.36 75.61
N VAL B 152 -54.18 -9.08 75.32
CA VAL B 152 -54.77 -8.68 74.05
C VAL B 152 -53.84 -9.02 72.89
N LYS B 153 -52.57 -8.67 73.06
CA LYS B 153 -51.58 -8.85 72.01
C LYS B 153 -51.31 -10.31 71.68
N ASN B 154 -51.26 -11.16 72.71
CA ASN B 154 -50.88 -12.55 72.51
C ASN B 154 -52.03 -13.48 72.15
N GLY B 155 -53.22 -12.91 71.99
CA GLY B 155 -54.36 -13.67 71.48
C GLY B 155 -55.29 -14.29 72.51
N THR B 156 -55.00 -14.08 73.79
CA THR B 156 -55.86 -14.60 74.85
C THR B 156 -56.39 -13.49 75.74
N TYR B 157 -57.55 -12.96 75.38
CA TYR B 157 -58.16 -11.86 76.14
C TYR B 157 -59.47 -12.32 76.78
N ASP B 158 -59.67 -11.94 78.04
CA ASP B 158 -60.84 -12.38 78.78
C ASP B 158 -61.98 -11.36 78.71
N TYR B 159 -62.90 -11.57 77.76
CA TYR B 159 -64.06 -10.71 77.62
C TYR B 159 -65.06 -10.77 78.81
N PRO B 160 -65.48 -11.98 79.23
CA PRO B 160 -66.50 -12.00 80.29
C PRO B 160 -66.01 -11.46 81.63
N LYS B 161 -64.69 -11.37 81.79
CA LYS B 161 -64.12 -10.80 83.00
C LYS B 161 -64.49 -9.32 83.13
N TYR B 162 -64.40 -8.62 82.01
CA TYR B 162 -64.60 -7.18 81.99
C TYR B 162 -65.96 -6.79 81.41
N GLU B 163 -66.81 -7.78 81.18
CA GLU B 163 -68.12 -7.56 80.56
C GLU B 163 -69.00 -6.58 81.33
N GLU B 164 -69.24 -6.88 82.61
CA GLU B 164 -70.18 -6.09 83.39
C GLU B 164 -69.66 -4.70 83.74
N GLU B 165 -68.37 -4.60 84.03
CA GLU B 165 -67.77 -3.29 84.31
C GLU B 165 -67.80 -2.41 83.07
N SER B 166 -67.57 -3.02 81.90
CA SER B 166 -67.56 -2.27 80.66
C SER B 166 -68.97 -1.78 80.31
N LYS B 167 -69.95 -2.66 80.49
CA LYS B 167 -71.35 -2.31 80.22
C LYS B 167 -71.80 -1.10 81.03
N LEU B 168 -71.49 -1.08 82.32
CA LEU B 168 -71.90 0.01 83.19
C LEU B 168 -71.23 1.33 82.80
N ASN B 169 -69.94 1.26 82.49
CA ASN B 169 -69.20 2.44 82.07
C ASN B 169 -69.56 2.85 80.64
N ARG B 170 -70.16 1.93 79.89
CA ARG B 170 -70.58 2.20 78.53
C ARG B 170 -71.86 3.02 78.50
N ASN B 171 -72.82 2.64 79.34
CA ASN B 171 -74.08 3.36 79.43
C ASN B 171 -74.01 4.51 80.43
N GLU B 172 -72.79 4.93 80.75
CA GLU B 172 -72.55 6.01 81.70
C GLU B 172 -72.95 7.35 81.10
N VAL C 2 19.31 10.40 -6.13
CA VAL C 2 19.90 9.07 -5.98
C VAL C 2 20.90 8.81 -7.10
N GLN C 3 22.07 8.29 -6.74
CA GLN C 3 23.17 8.19 -7.69
C GLN C 3 23.51 6.75 -8.07
N LEU C 4 23.25 6.41 -9.33
CA LEU C 4 23.75 5.17 -9.89
C LEU C 4 25.07 5.49 -10.56
N VAL C 5 26.17 5.00 -9.97
CA VAL C 5 27.48 5.26 -10.54
C VAL C 5 28.11 3.96 -11.05
N GLU C 6 28.76 4.05 -12.20
CA GLU C 6 29.32 2.87 -12.84
C GLU C 6 30.77 3.07 -13.27
N SER C 7 31.42 1.98 -13.66
CA SER C 7 32.76 2.04 -14.23
C SER C 7 32.69 2.74 -15.58
N GLY C 8 33.80 3.32 -16.01
CA GLY C 8 33.83 4.02 -17.27
C GLY C 8 34.99 3.59 -18.16
N ALA C 9 34.82 3.81 -19.46
CA ALA C 9 35.87 3.61 -20.45
C ALA C 9 36.51 2.22 -20.41
N ASP C 10 35.92 1.28 -21.13
CA ASP C 10 36.44 -0.07 -21.21
C ASP C 10 36.88 -0.39 -22.64
N MET C 11 38.02 -1.07 -22.76
CA MET C 11 38.58 -1.44 -24.06
C MET C 11 38.86 -2.93 -24.11
N LYS C 12 38.13 -3.66 -24.96
CA LYS C 12 38.25 -5.12 -25.01
C LYS C 12 38.33 -5.66 -26.44
N PRO C 13 39.04 -6.79 -26.63
CA PRO C 13 39.15 -7.45 -27.93
C PRO C 13 37.86 -8.19 -28.29
N PRO C 14 37.63 -8.44 -29.59
CA PRO C 14 36.48 -9.28 -29.98
C PRO C 14 36.67 -10.70 -29.49
N GLY C 15 35.58 -11.32 -29.03
CA GLY C 15 35.63 -12.69 -28.54
C GLY C 15 35.91 -12.77 -27.05
N SER C 16 36.05 -11.61 -26.42
CA SER C 16 36.28 -11.55 -24.98
C SER C 16 35.05 -10.99 -24.27
N SER C 17 34.99 -11.21 -22.96
CA SER C 17 33.81 -10.79 -22.21
C SER C 17 34.06 -9.53 -21.40
N VAL C 18 33.00 -8.77 -21.16
CA VAL C 18 33.05 -7.61 -20.29
C VAL C 18 32.04 -7.77 -19.18
N LYS C 19 32.25 -7.03 -18.11
CA LYS C 19 31.31 -7.01 -16.99
C LYS C 19 31.20 -5.59 -16.47
N VAL C 20 30.12 -4.91 -16.82
CA VAL C 20 29.91 -3.52 -16.45
C VAL C 20 29.12 -3.39 -15.15
N PRO C 21 29.79 -2.93 -14.09
CA PRO C 21 29.18 -2.78 -12.76
C PRO C 21 28.30 -1.53 -12.66
N CYS C 22 27.35 -1.55 -11.73
CA CYS C 22 26.47 -0.41 -11.52
C CYS C 22 26.12 -0.28 -10.05
N LYS C 23 26.84 0.59 -9.36
CA LYS C 23 26.69 0.74 -7.92
C LYS C 23 25.60 1.75 -7.58
N ALA C 24 24.77 1.41 -6.58
CA ALA C 24 23.64 2.23 -6.20
C ALA C 24 23.88 2.97 -4.89
N SER C 25 24.02 4.30 -5.00
CA SER C 25 24.21 5.14 -3.81
C SER C 25 22.98 6.02 -3.60
N GLY C 26 22.65 6.29 -2.35
CA GLY C 26 21.48 7.07 -2.00
C GLY C 26 20.67 6.29 -0.98
N ASP C 27 19.36 6.19 -1.21
CA ASP C 27 18.56 5.29 -0.38
C ASP C 27 18.28 3.99 -1.13
N THR C 28 19.10 2.98 -0.82
CA THR C 28 19.02 1.69 -1.49
C THR C 28 17.81 0.87 -1.04
N PHE C 29 16.83 0.75 -1.93
CA PHE C 29 15.67 -0.09 -1.67
C PHE C 29 15.98 -1.52 -2.08
N SER C 30 16.50 -1.68 -3.29
CA SER C 30 16.79 -2.98 -3.90
C SER C 30 15.55 -3.88 -4.03
N SER C 31 14.38 -3.26 -3.91
CA SER C 31 13.14 -3.88 -4.37
C SER C 31 12.83 -3.17 -5.68
N TYR C 32 13.70 -2.23 -6.02
CA TYR C 32 13.58 -1.45 -7.25
C TYR C 32 14.43 -2.09 -8.35
N THR C 33 14.01 -1.90 -9.59
CA THR C 33 14.61 -2.59 -10.71
C THR C 33 15.68 -1.77 -11.44
N ILE C 34 16.86 -2.37 -11.56
CA ILE C 34 17.92 -1.79 -12.36
C ILE C 34 17.76 -2.21 -13.81
N THR C 35 17.71 -1.23 -14.70
CA THR C 35 17.51 -1.49 -16.12
C THR C 35 18.77 -1.17 -16.92
N TRP C 36 19.11 -2.04 -17.87
CA TRP C 36 20.27 -1.82 -18.72
C TRP C 36 19.89 -1.35 -20.13
N VAL C 37 20.36 -0.15 -20.48
CA VAL C 37 20.09 0.42 -21.80
C VAL C 37 21.39 0.60 -22.58
N ARG C 38 21.28 0.53 -23.91
CA ARG C 38 22.45 0.54 -24.78
C ARG C 38 22.30 1.59 -25.88
N GLN C 39 23.40 2.26 -26.23
CA GLN C 39 23.36 3.29 -27.27
C GLN C 39 24.58 3.24 -28.19
N ALA C 40 24.41 2.62 -29.35
CA ALA C 40 25.45 2.60 -30.37
C ALA C 40 25.70 4.03 -30.86
N PRO C 41 26.97 4.36 -31.15
CA PRO C 41 27.40 5.72 -31.51
C PRO C 41 26.55 6.35 -32.61
N GLY C 42 25.84 7.42 -32.25
CA GLY C 42 25.01 8.14 -33.21
C GLY C 42 23.58 7.60 -33.29
N GLN C 43 23.34 6.44 -32.69
CA GLN C 43 22.03 5.80 -32.79
C GLN C 43 21.20 6.03 -31.53
N GLY C 44 19.99 5.48 -31.52
CA GLY C 44 19.08 5.67 -30.42
C GLY C 44 19.35 4.74 -29.24
N LEU C 45 18.37 4.62 -28.36
CA LEU C 45 18.50 3.79 -27.16
C LEU C 45 17.81 2.45 -27.33
N GLU C 46 18.36 1.42 -26.71
CA GLU C 46 17.78 0.08 -26.80
C GLU C 46 17.85 -0.68 -25.48
N TRP C 47 16.70 -1.16 -25.02
CA TRP C 47 16.60 -1.93 -23.78
C TRP C 47 17.27 -3.29 -23.93
N MET C 48 18.18 -3.60 -23.02
CA MET C 48 18.91 -4.88 -23.06
C MET C 48 18.35 -5.87 -22.05
N GLY C 49 17.72 -5.36 -21.00
CA GLY C 49 17.20 -6.21 -19.95
C GLY C 49 17.16 -5.48 -18.63
N GLY C 50 16.83 -6.20 -17.57
CA GLY C 50 16.73 -5.60 -16.24
C GLY C 50 16.60 -6.66 -15.17
N ILE C 51 16.96 -6.28 -13.94
CA ILE C 51 16.90 -7.22 -12.83
C ILE C 51 16.39 -6.54 -11.56
N THR C 52 15.57 -7.26 -10.80
CA THR C 52 15.09 -6.80 -9.51
C THR C 52 15.59 -7.76 -8.44
N PRO C 53 16.57 -7.31 -7.64
CA PRO C 53 17.35 -8.11 -6.69
C PRO C 53 16.55 -9.08 -5.81
N ILE C 54 15.41 -8.64 -5.29
CA ILE C 54 14.57 -9.52 -4.46
C ILE C 54 14.02 -10.70 -5.24
N PHE C 55 13.51 -10.44 -6.44
CA PHE C 55 12.87 -11.47 -7.24
C PHE C 55 13.87 -12.32 -8.02
N GLY C 56 15.10 -11.82 -8.16
CA GLY C 56 16.12 -12.46 -8.97
C GLY C 56 15.66 -12.59 -10.41
N SER C 57 16.11 -13.66 -11.07
CA SER C 57 15.63 -14.07 -12.39
C SER C 57 15.32 -12.92 -13.35
N PRO C 58 16.36 -12.32 -13.93
CA PRO C 58 16.25 -11.08 -14.70
C PRO C 58 15.59 -11.27 -16.07
N ASN C 59 15.23 -10.15 -16.70
CA ASN C 59 14.68 -10.17 -18.05
C ASN C 59 15.74 -9.80 -19.08
N TYR C 60 15.49 -10.19 -20.33
CA TYR C 60 16.35 -9.79 -21.43
C TYR C 60 15.48 -9.51 -22.65
N ALA C 61 15.90 -8.52 -23.44
CA ALA C 61 15.23 -8.24 -24.70
C ALA C 61 15.47 -9.39 -25.66
N GLN C 62 14.64 -9.45 -26.69
CA GLN C 62 14.73 -10.53 -27.67
C GLN C 62 16.10 -10.53 -28.35
N ARG C 63 16.66 -9.35 -28.55
CA ARG C 63 17.90 -9.21 -29.31
C ARG C 63 19.14 -9.60 -28.50
N PHE C 64 19.15 -9.26 -27.22
CA PHE C 64 20.31 -9.48 -26.38
C PHE C 64 20.15 -10.69 -25.48
N GLN C 65 19.03 -11.40 -25.64
CA GLN C 65 18.80 -12.67 -24.97
C GLN C 65 19.96 -13.61 -25.28
N ASP C 66 20.40 -14.35 -24.27
CA ASP C 66 21.49 -15.33 -24.40
C ASP C 66 22.84 -14.80 -24.92
N ARG C 67 22.84 -13.58 -25.45
CA ARG C 67 24.08 -12.93 -25.85
C ARG C 67 24.66 -12.18 -24.64
N VAL C 68 23.82 -11.99 -23.63
CA VAL C 68 24.18 -11.21 -22.46
C VAL C 68 23.61 -11.85 -21.18
N ILE C 69 24.21 -11.54 -20.04
CA ILE C 69 23.70 -12.01 -18.74
C ILE C 69 23.81 -10.94 -17.66
N ILE C 70 22.76 -10.82 -16.85
CA ILE C 70 22.70 -9.79 -15.82
C ILE C 70 22.56 -10.37 -14.42
N THR C 71 23.45 -9.95 -13.52
CA THR C 71 23.43 -10.41 -12.13
C THR C 71 23.37 -9.25 -11.16
N ALA C 72 23.29 -9.55 -9.87
CA ALA C 72 23.25 -8.52 -8.85
C ALA C 72 23.75 -9.02 -7.49
N ASP C 73 24.48 -8.17 -6.79
CA ASP C 73 24.88 -8.45 -5.42
C ASP C 73 24.22 -7.42 -4.52
N GLU C 74 23.25 -7.86 -3.73
CA GLU C 74 22.51 -6.95 -2.86
C GLU C 74 23.32 -6.54 -1.64
N SER C 75 24.40 -7.27 -1.36
CA SER C 75 25.25 -6.94 -0.22
C SER C 75 26.17 -5.77 -0.55
N THR C 76 26.55 -5.65 -1.82
CA THR C 76 27.42 -4.56 -2.26
C THR C 76 26.63 -3.47 -2.98
N SER C 77 25.32 -3.67 -3.08
CA SER C 77 24.42 -2.73 -3.77
C SER C 77 24.87 -2.43 -5.20
N THR C 78 25.22 -3.48 -5.94
CA THR C 78 25.76 -3.32 -7.28
C THR C 78 25.16 -4.34 -8.25
N ALA C 79 24.82 -3.87 -9.45
CA ALA C 79 24.26 -4.73 -10.48
C ALA C 79 25.18 -4.80 -11.69
N TYR C 80 25.34 -6.00 -12.24
CA TYR C 80 26.30 -6.22 -13.32
C TYR C 80 25.62 -6.65 -14.61
N MET C 81 26.11 -6.13 -15.73
CA MET C 81 25.66 -6.56 -17.05
C MET C 81 26.86 -7.12 -17.80
N GLU C 82 26.92 -8.43 -17.93
CA GLU C 82 28.06 -9.07 -18.56
C GLU C 82 27.76 -9.50 -20.00
N VAL C 83 28.57 -9.01 -20.93
CA VAL C 83 28.46 -9.39 -22.34
C VAL C 83 29.45 -10.49 -22.68
N SER C 84 28.96 -11.72 -22.83
CA SER C 84 29.81 -12.81 -23.26
C SER C 84 30.09 -12.69 -24.75
N ASN C 85 31.37 -12.84 -25.11
CA ASN C 85 31.79 -12.89 -26.51
C ASN C 85 31.42 -11.65 -27.33
N LEU C 86 32.33 -10.67 -27.35
CA LEU C 86 32.10 -9.39 -27.99
C LEU C 86 32.30 -9.42 -29.51
N ARG C 87 31.68 -8.47 -30.18
CA ARG C 87 31.90 -8.25 -31.61
C ARG C 87 32.17 -6.77 -31.85
N SER C 88 32.67 -6.44 -33.04
CA SER C 88 32.97 -5.06 -33.41
C SER C 88 31.73 -4.17 -33.34
N GLU C 89 30.56 -4.79 -33.54
CA GLU C 89 29.30 -4.06 -33.53
C GLU C 89 28.76 -3.86 -32.11
N ASP C 90 29.41 -4.51 -31.15
CA ASP C 90 29.01 -4.38 -29.76
C ASP C 90 29.65 -3.15 -29.09
N THR C 91 30.38 -2.37 -29.88
CA THR C 91 30.96 -1.14 -29.38
C THR C 91 29.89 -0.07 -29.18
N ALA C 92 29.55 0.18 -27.92
CA ALA C 92 28.53 1.17 -27.60
C ALA C 92 28.62 1.62 -26.15
N VAL C 93 27.72 2.52 -25.76
CA VAL C 93 27.64 2.97 -24.38
C VAL C 93 26.58 2.16 -23.63
N TYR C 94 26.89 1.78 -22.40
CA TYR C 94 25.98 0.96 -21.62
C TYR C 94 25.52 1.66 -20.34
N PHE C 95 24.33 2.26 -20.40
CA PHE C 95 23.74 2.92 -19.24
C PHE C 95 23.05 1.92 -18.33
N CYS C 96 23.11 2.16 -17.02
CA CYS C 96 22.24 1.46 -16.08
C CYS C 96 21.29 2.48 -15.47
N ALA C 97 20.00 2.20 -15.57
CA ALA C 97 19.00 3.12 -15.07
C ALA C 97 18.19 2.48 -13.96
N ARG C 98 17.42 3.28 -13.26
CA ARG C 98 16.47 2.76 -12.29
C ARG C 98 15.07 3.22 -12.67
N VAL C 99 14.07 2.46 -12.27
CA VAL C 99 12.70 2.77 -12.62
C VAL C 99 11.93 3.42 -11.48
N GLY C 100 10.68 3.79 -11.73
CA GLY C 100 9.78 4.27 -10.69
C GLY C 100 9.61 3.17 -9.67
N GLY C 101 9.83 1.94 -10.13
CA GLY C 101 10.01 0.79 -9.25
C GLY C 101 8.71 0.17 -8.78
N GLU C 102 8.84 -0.84 -7.92
CA GLU C 102 7.71 -1.50 -7.29
C GLU C 102 6.72 -2.03 -8.32
N TRP C 103 6.93 -3.28 -8.74
CA TRP C 103 6.04 -3.92 -9.70
C TRP C 103 4.58 -3.89 -9.22
N GLY C 104 3.72 -3.27 -10.01
CA GLY C 104 2.33 -3.11 -9.65
C GLY C 104 1.94 -1.65 -9.50
N SER C 105 2.90 -0.77 -9.74
CA SER C 105 2.68 0.66 -9.62
C SER C 105 2.38 1.29 -10.98
N GLY C 106 2.75 0.59 -12.05
CA GLY C 106 2.46 1.06 -13.39
C GLY C 106 3.39 2.17 -13.85
N ARG C 107 4.21 2.67 -12.94
CA ARG C 107 5.18 3.71 -13.27
C ARG C 107 6.52 3.08 -13.66
N TYR C 108 6.65 2.75 -14.94
CA TYR C 108 7.83 2.03 -15.43
C TYR C 108 8.73 2.94 -16.27
N TYR C 109 8.68 4.23 -16.00
CA TYR C 109 9.64 5.18 -16.56
C TYR C 109 10.98 4.98 -15.85
N LEU C 110 12.06 5.42 -16.49
CA LEU C 110 13.40 5.34 -15.91
C LEU C 110 13.79 6.67 -15.27
N ASP C 111 13.71 6.75 -13.94
CA ASP C 111 13.83 8.05 -13.26
C ASP C 111 15.26 8.44 -12.87
N HIS C 112 16.15 7.45 -12.80
CA HIS C 112 17.54 7.69 -12.45
C HIS C 112 18.45 6.97 -13.43
N TRP C 113 19.68 7.46 -13.56
CA TRP C 113 20.61 6.95 -14.55
C TRP C 113 22.03 6.87 -14.02
N GLY C 114 22.90 6.25 -14.80
CA GLY C 114 24.33 6.28 -14.54
C GLY C 114 24.95 7.33 -15.42
N GLN C 115 26.27 7.41 -15.46
CA GLN C 115 26.94 8.33 -16.36
C GLN C 115 27.22 7.65 -17.69
N GLY C 116 27.08 6.33 -17.71
CA GLY C 116 27.33 5.56 -18.91
C GLY C 116 28.71 4.94 -18.93
N THR C 117 28.83 3.80 -19.61
CA THR C 117 30.11 3.12 -19.76
C THR C 117 30.35 2.83 -21.23
N LEU C 118 31.44 3.39 -21.77
CA LEU C 118 31.80 3.15 -23.16
C LEU C 118 32.64 1.89 -23.26
N VAL C 119 32.15 0.93 -24.05
CA VAL C 119 32.92 -0.28 -24.34
C VAL C 119 33.37 -0.24 -25.80
N THR C 120 34.65 0.01 -26.01
CA THR C 120 35.20 0.01 -27.36
C THR C 120 35.79 -1.36 -27.65
N VAL C 121 35.23 -2.05 -28.64
CA VAL C 121 35.69 -3.38 -28.97
C VAL C 121 36.72 -3.37 -30.10
N SER C 122 37.99 -3.48 -29.72
CA SER C 122 39.09 -3.46 -30.68
C SER C 122 40.19 -4.43 -30.28
N SER C 123 40.76 -5.12 -31.27
CA SER C 123 41.80 -6.11 -31.01
C SER C 123 43.19 -5.48 -31.05
N ALA C 124 43.24 -4.15 -31.06
CA ALA C 124 44.49 -3.44 -31.22
C ALA C 124 45.18 -3.16 -29.89
N SER C 125 46.37 -2.58 -29.97
CA SER C 125 47.01 -2.00 -28.80
C SER C 125 47.39 -0.58 -29.14
N THR C 126 48.28 0.00 -28.35
CA THR C 126 48.70 1.38 -28.56
C THR C 126 49.42 1.55 -29.88
N LYS C 127 48.94 2.46 -30.71
CA LYS C 127 49.52 2.69 -32.02
C LYS C 127 49.51 4.17 -32.38
N GLY C 128 50.66 4.68 -32.79
CA GLY C 128 50.76 6.05 -33.25
C GLY C 128 50.14 6.22 -34.62
N PRO C 129 49.63 7.42 -34.90
CA PRO C 129 48.93 7.70 -36.16
C PRO C 129 49.87 7.95 -37.31
N SER C 130 49.41 7.65 -38.53
CA SER C 130 50.11 8.04 -39.74
C SER C 130 49.43 9.29 -40.28
N VAL C 131 50.22 10.30 -40.61
CA VAL C 131 49.66 11.58 -41.02
C VAL C 131 49.89 11.85 -42.49
N PHE C 132 48.81 12.05 -43.23
CA PHE C 132 48.88 12.33 -44.66
C PHE C 132 48.33 13.71 -44.97
N PRO C 133 48.94 14.41 -45.94
CA PRO C 133 48.46 15.74 -46.31
C PRO C 133 47.25 15.68 -47.23
N LEU C 134 46.26 16.54 -46.99
CA LEU C 134 45.18 16.76 -47.94
C LEU C 134 45.47 18.06 -48.68
N ALA C 135 46.11 17.92 -49.84
CA ALA C 135 46.68 19.07 -50.55
C ALA C 135 45.65 19.94 -51.26
N PRO C 136 45.79 21.28 -51.10
CA PRO C 136 44.91 22.22 -51.78
C PRO C 136 45.21 22.24 -53.28
N SER C 137 44.16 22.15 -54.09
CA SER C 137 44.32 22.12 -55.53
C SER C 137 43.26 22.96 -56.23
N SER C 138 43.07 22.71 -57.52
CA SER C 138 42.08 23.42 -58.30
C SER C 138 40.67 23.04 -57.85
N LYS C 139 40.54 21.86 -57.24
CA LYS C 139 39.26 21.36 -56.79
C LYS C 139 39.00 21.77 -55.35
N SER C 140 40.08 22.03 -54.62
CA SER C 140 39.98 22.38 -53.21
C SER C 140 39.82 23.89 -53.00
N THR C 141 39.81 24.63 -54.09
CA THR C 141 39.65 26.09 -54.02
C THR C 141 38.29 26.56 -54.55
N SER C 142 37.68 27.51 -53.83
CA SER C 142 36.41 28.09 -54.25
C SER C 142 36.48 29.61 -54.16
N GLY C 143 36.79 30.24 -55.28
CA GLY C 143 36.94 31.68 -55.34
C GLY C 143 38.11 32.15 -54.50
N GLY C 144 37.81 32.92 -53.46
CA GLY C 144 38.85 33.47 -52.59
C GLY C 144 39.40 32.49 -51.58
N THR C 145 38.58 31.53 -51.17
CA THR C 145 38.99 30.58 -50.14
C THR C 145 39.39 29.22 -50.73
N ALA C 146 40.57 28.75 -50.33
CA ALA C 146 41.04 27.41 -50.68
C ALA C 146 41.23 26.61 -49.41
N ALA C 147 40.84 25.34 -49.44
CA ALA C 147 40.91 24.53 -48.24
C ALA C 147 41.97 23.43 -48.32
N LEU C 148 42.55 23.12 -47.17
CA LEU C 148 43.55 22.09 -47.06
C LEU C 148 43.40 21.41 -45.71
N GLY C 149 44.01 20.24 -45.55
CA GLY C 149 43.89 19.53 -44.30
C GLY C 149 44.87 18.40 -44.09
N CYS C 150 44.64 17.63 -43.02
CA CYS C 150 45.50 16.51 -42.64
C CYS C 150 44.67 15.28 -42.28
N LEU C 151 45.05 14.14 -42.83
CA LEU C 151 44.39 12.89 -42.50
C LEU C 151 45.19 12.14 -41.43
N VAL C 152 44.62 12.07 -40.22
CA VAL C 152 45.25 11.36 -39.11
C VAL C 152 44.67 9.96 -39.03
N LYS C 153 45.41 8.99 -39.59
CA LYS C 153 44.86 7.66 -39.83
C LYS C 153 45.51 6.58 -38.97
N ASP C 154 44.70 5.61 -38.57
CA ASP C 154 45.18 4.39 -37.91
C ASP C 154 45.97 4.63 -36.63
N TYR C 155 45.30 5.08 -35.58
CA TYR C 155 45.92 5.23 -34.28
C TYR C 155 45.02 4.62 -33.21
N PHE C 156 45.58 4.40 -32.01
CA PHE C 156 44.84 3.82 -30.91
C PHE C 156 45.62 4.00 -29.62
N PRO C 157 44.93 4.42 -28.54
CA PRO C 157 43.52 4.78 -28.58
C PRO C 157 43.36 6.30 -28.60
N GLU C 158 42.14 6.77 -28.33
CA GLU C 158 41.89 8.18 -28.14
C GLU C 158 42.63 8.65 -26.90
N PRO C 159 42.93 9.96 -26.80
CA PRO C 159 42.62 11.04 -27.75
C PRO C 159 43.81 11.39 -28.62
N VAL C 160 43.57 12.29 -29.56
CA VAL C 160 44.64 12.84 -30.38
C VAL C 160 44.36 14.33 -30.55
N THR C 161 45.41 15.13 -30.39
CA THR C 161 45.26 16.58 -30.41
C THR C 161 45.92 17.15 -31.66
N VAL C 162 45.18 17.98 -32.39
CA VAL C 162 45.68 18.56 -33.63
C VAL C 162 45.68 20.08 -33.59
N SER C 163 46.85 20.67 -33.81
CA SER C 163 46.97 22.11 -33.95
C SER C 163 47.53 22.44 -35.33
N TRP C 164 47.30 23.67 -35.78
CA TRP C 164 47.83 24.13 -37.04
C TRP C 164 48.83 25.26 -36.84
N ASN C 165 50.03 25.08 -37.39
CA ASN C 165 51.13 26.02 -37.23
C ASN C 165 51.42 26.34 -35.76
N SER C 166 51.46 25.29 -34.95
CA SER C 166 51.80 25.40 -33.53
C SER C 166 50.89 26.35 -32.75
N GLY C 167 49.65 26.49 -33.21
CA GLY C 167 48.67 27.30 -32.53
C GLY C 167 48.48 28.69 -33.13
N ALA C 168 49.29 29.01 -34.13
CA ALA C 168 49.21 30.30 -34.80
C ALA C 168 47.95 30.41 -35.66
N LEU C 169 47.43 29.27 -36.08
CA LEU C 169 46.24 29.25 -36.94
C LEU C 169 45.03 28.73 -36.17
N THR C 170 44.02 29.57 -36.04
CA THR C 170 42.83 29.24 -35.27
C THR C 170 41.59 29.27 -36.16
N SER C 171 41.43 30.39 -36.87
CA SER C 171 40.26 30.61 -37.70
C SER C 171 40.17 29.62 -38.86
N GLY C 172 38.96 29.11 -39.09
CA GLY C 172 38.68 28.25 -40.22
C GLY C 172 39.00 26.78 -39.98
N VAL C 173 39.52 26.47 -38.80
CA VAL C 173 39.93 25.11 -38.50
C VAL C 173 38.78 24.26 -37.98
N HIS C 174 38.55 23.13 -38.65
CA HIS C 174 37.55 22.16 -38.23
C HIS C 174 38.16 20.78 -38.07
N THR C 175 38.50 20.43 -36.83
CA THR C 175 38.96 19.09 -36.52
C THR C 175 37.78 18.18 -36.22
N PHE C 176 37.60 17.15 -37.03
CA PHE C 176 36.43 16.28 -36.94
C PHE C 176 36.50 15.27 -35.81
N PRO C 177 35.34 14.84 -35.29
CA PRO C 177 35.27 13.71 -34.36
C PRO C 177 35.85 12.47 -35.02
N ALA C 178 36.64 11.70 -34.26
CA ALA C 178 37.26 10.50 -34.80
C ALA C 178 36.24 9.39 -34.99
N VAL C 179 36.54 8.44 -35.87
CA VAL C 179 35.68 7.29 -36.06
C VAL C 179 36.46 6.00 -35.81
N LEU C 180 35.76 4.97 -35.36
CA LEU C 180 36.36 3.66 -35.21
C LEU C 180 36.18 2.92 -36.53
N GLN C 181 37.24 2.29 -37.03
CA GLN C 181 37.19 1.60 -38.31
C GLN C 181 36.96 0.10 -38.15
N SER C 182 36.93 -0.60 -39.27
CA SER C 182 36.79 -2.04 -39.29
C SER C 182 38.03 -2.69 -38.69
N SER C 183 39.16 -1.99 -38.79
CA SER C 183 40.42 -2.47 -38.22
C SER C 183 40.45 -2.35 -36.71
N GLY C 184 39.45 -1.67 -36.14
CA GLY C 184 39.43 -1.37 -34.72
C GLY C 184 40.40 -0.24 -34.43
N LEU C 185 40.67 0.56 -35.45
CA LEU C 185 41.63 1.64 -35.37
C LEU C 185 40.96 2.97 -35.65
N TYR C 186 41.28 3.99 -34.86
CA TYR C 186 40.67 5.30 -35.03
C TYR C 186 41.26 6.03 -36.24
N SER C 187 40.49 6.97 -36.78
CA SER C 187 40.95 7.82 -37.87
C SER C 187 40.10 9.09 -37.94
N LEU C 188 40.74 10.22 -38.22
CA LEU C 188 40.03 11.49 -38.33
C LEU C 188 40.74 12.45 -39.28
N SER C 189 40.08 13.58 -39.55
CA SER C 189 40.64 14.61 -40.42
C SER C 189 40.52 15.99 -39.79
N SER C 190 41.51 16.84 -40.03
CA SER C 190 41.45 18.24 -39.63
C SER C 190 41.56 19.10 -40.87
N VAL C 191 40.75 20.14 -40.95
CA VAL C 191 40.64 20.93 -42.18
C VAL C 191 40.69 22.42 -41.90
N VAL C 192 41.44 23.15 -42.72
CA VAL C 192 41.48 24.61 -42.63
C VAL C 192 40.98 25.23 -43.93
N THR C 193 40.37 26.41 -43.82
CA THR C 193 40.08 27.23 -44.99
C THR C 193 40.98 28.45 -44.92
N VAL C 194 41.73 28.68 -46.00
CA VAL C 194 42.68 29.78 -46.04
C VAL C 194 42.47 30.63 -47.28
N PRO C 195 43.03 31.85 -47.31
CA PRO C 195 43.04 32.62 -48.55
C PRO C 195 43.75 31.84 -49.66
N SER C 196 43.15 31.81 -50.85
CA SER C 196 43.69 31.05 -51.96
C SER C 196 45.09 31.54 -52.39
N SER C 197 45.39 32.78 -52.05
CA SER C 197 46.64 33.42 -52.48
C SER C 197 47.81 33.15 -51.52
N SER C 198 47.51 32.55 -50.38
CA SER C 198 48.52 32.33 -49.36
C SER C 198 49.33 31.06 -49.62
N LEU C 199 48.90 30.28 -50.61
CA LEU C 199 49.64 29.08 -51.02
C LEU C 199 50.83 29.50 -51.87
N GLY C 200 52.04 29.20 -51.40
CA GLY C 200 53.24 29.60 -52.09
C GLY C 200 54.00 30.64 -51.29
N THR C 201 53.30 31.23 -50.33
CA THR C 201 53.91 32.17 -49.40
C THR C 201 53.85 31.62 -47.98
N GLN C 202 52.64 31.29 -47.52
CA GLN C 202 52.45 30.79 -46.17
C GLN C 202 52.57 29.26 -46.11
N THR C 203 53.47 28.78 -45.25
CA THR C 203 53.65 27.34 -45.08
C THR C 203 52.67 26.81 -44.03
N TYR C 204 51.99 25.73 -44.37
CA TYR C 204 50.97 25.15 -43.49
C TYR C 204 51.38 23.78 -42.95
N ILE C 205 51.54 23.71 -41.63
CA ILE C 205 51.94 22.46 -40.98
C ILE C 205 50.90 22.07 -39.93
N CYS C 206 50.47 20.82 -39.94
CA CYS C 206 49.59 20.33 -38.89
C CYS C 206 50.38 19.54 -37.85
N ASN C 207 50.21 19.90 -36.59
CA ASN C 207 50.94 19.25 -35.51
C ASN C 207 50.05 18.25 -34.78
N VAL C 208 50.38 16.97 -34.92
CA VAL C 208 49.57 15.91 -34.33
C VAL C 208 50.24 15.32 -33.08
N ASN C 209 49.47 15.20 -32.01
CA ASN C 209 49.97 14.65 -30.76
C ASN C 209 49.21 13.42 -30.31
N HIS C 210 49.94 12.32 -30.11
CA HIS C 210 49.36 11.11 -29.55
C HIS C 210 50.16 10.69 -28.32
N LYS C 211 49.72 11.14 -27.15
CA LYS C 211 50.42 10.87 -25.90
C LYS C 211 50.55 9.37 -25.53
N PRO C 212 49.49 8.56 -25.75
CA PRO C 212 49.63 7.13 -25.45
C PRO C 212 50.83 6.43 -26.10
N SER C 213 51.13 6.75 -27.35
CA SER C 213 52.28 6.16 -28.03
C SER C 213 53.47 7.09 -27.94
N ASN C 214 53.26 8.24 -27.30
CA ASN C 214 54.28 9.26 -27.13
C ASN C 214 54.87 9.74 -28.45
N THR C 215 54.05 9.77 -29.49
CA THR C 215 54.50 10.20 -30.80
C THR C 215 53.99 11.60 -31.12
N LYS C 216 54.91 12.46 -31.57
CA LYS C 216 54.57 13.82 -31.95
C LYS C 216 54.98 14.06 -33.39
N VAL C 217 53.99 14.19 -34.27
CA VAL C 217 54.25 14.33 -35.69
C VAL C 217 53.84 15.71 -36.23
N ASP C 218 54.78 16.41 -36.85
CA ASP C 218 54.49 17.66 -37.51
C ASP C 218 54.56 17.46 -39.02
N LYS C 219 53.43 17.59 -39.68
CA LYS C 219 53.34 17.30 -41.12
C LYS C 219 53.08 18.56 -41.95
N ARG C 220 53.97 18.83 -42.90
CA ARG C 220 53.85 19.99 -43.80
C ARG C 220 52.98 19.66 -45.01
N VAL C 221 52.04 20.56 -45.33
CA VAL C 221 51.14 20.34 -46.46
C VAL C 221 51.47 21.26 -47.63
N GLU C 222 51.96 20.67 -48.73
CA GLU C 222 52.28 21.44 -49.92
C GLU C 222 51.11 21.42 -50.90
N PRO C 223 50.95 22.50 -51.68
CA PRO C 223 49.89 22.57 -52.70
C PRO C 223 50.20 21.66 -53.88
N LYS C 224 49.25 21.56 -54.81
CA LYS C 224 49.47 20.79 -56.03
C LYS C 224 48.87 21.51 -57.23
N SER C 225 49.02 20.92 -58.41
CA SER C 225 48.49 21.54 -59.62
C SER C 225 47.60 20.57 -60.40
N ASP D 1 4.13 -5.31 -30.15
CA ASP D 1 5.19 -4.65 -30.92
C ASP D 1 4.80 -3.21 -31.24
N ILE D 2 4.86 -2.35 -30.22
CA ILE D 2 4.51 -0.95 -30.40
C ILE D 2 5.59 -0.21 -31.17
N GLN D 3 5.19 0.50 -32.21
CA GLN D 3 6.12 1.34 -32.96
C GLN D 3 5.99 2.78 -32.51
N LEU D 4 7.12 3.41 -32.21
CA LEU D 4 7.15 4.81 -31.81
C LEU D 4 7.94 5.64 -32.81
N THR D 5 7.27 6.58 -33.46
CA THR D 5 7.92 7.43 -34.45
C THR D 5 7.80 8.91 -34.08
N GLN D 6 8.95 9.59 -33.99
CA GLN D 6 8.97 11.01 -33.69
C GLN D 6 9.20 11.83 -34.96
N SER D 7 8.30 12.77 -35.23
CA SER D 7 8.47 13.70 -36.33
C SER D 7 8.30 15.13 -35.86
N PRO D 8 9.19 16.04 -36.30
CA PRO D 8 10.27 15.80 -37.27
C PRO D 8 11.49 15.14 -36.63
N ALA D 9 12.37 14.58 -37.46
CA ALA D 9 13.59 13.95 -36.96
C ALA D 9 14.54 15.02 -36.42
N SER D 10 14.61 16.15 -37.12
CA SER D 10 15.41 17.28 -36.67
C SER D 10 14.54 18.52 -36.61
N LEU D 11 14.70 19.31 -35.56
CA LEU D 11 13.90 20.52 -35.39
C LEU D 11 14.77 21.77 -35.27
N SER D 12 14.51 22.75 -36.13
CA SER D 12 15.31 23.97 -36.17
C SER D 12 14.54 25.13 -35.56
N VAL D 13 14.95 25.57 -34.37
CA VAL D 13 14.19 26.56 -33.62
C VAL D 13 15.09 27.57 -32.87
N SER D 14 14.73 28.85 -32.99
CA SER D 14 15.48 29.95 -32.36
C SER D 14 15.34 29.93 -30.84
N PRO D 15 16.32 30.52 -30.12
CA PRO D 15 16.27 30.56 -28.66
C PRO D 15 15.14 31.44 -28.12
N GLY D 16 13.97 30.84 -27.91
CA GLY D 16 12.81 31.57 -27.44
C GLY D 16 11.73 31.58 -28.49
N GLU D 17 11.88 30.70 -29.48
CA GLU D 17 10.92 30.61 -30.57
C GLU D 17 9.87 29.52 -30.29
N ARG D 18 9.89 29.02 -29.05
CA ARG D 18 8.90 28.05 -28.58
C ARG D 18 8.89 26.77 -29.41
N ALA D 19 9.79 25.85 -29.08
CA ALA D 19 9.91 24.59 -29.79
C ALA D 19 8.86 23.58 -29.33
N THR D 20 8.24 22.90 -30.29
CA THR D 20 7.25 21.87 -30.01
C THR D 20 7.57 20.57 -30.71
N LEU D 21 7.61 19.48 -29.96
CA LEU D 21 7.98 18.17 -30.49
C LEU D 21 6.78 17.22 -30.50
N SER D 22 6.84 16.18 -31.33
CA SER D 22 5.71 15.26 -31.46
C SER D 22 6.12 13.78 -31.54
N CYS D 23 5.52 12.97 -30.66
CA CYS D 23 5.73 11.53 -30.67
C CYS D 23 4.42 10.83 -31.01
N ARG D 24 4.49 9.81 -31.85
CA ARG D 24 3.28 9.11 -32.29
C ARG D 24 3.46 7.59 -32.28
N ALA D 25 2.48 6.89 -31.73
CA ALA D 25 2.56 5.44 -31.56
C ALA D 25 1.56 4.69 -32.45
N SER D 26 1.94 3.49 -32.86
CA SER D 26 1.12 2.68 -33.75
C SER D 26 -0.20 2.26 -33.11
N GLN D 27 -0.17 2.02 -31.81
CA GLN D 27 -1.39 1.74 -31.05
C GLN D 27 -1.53 2.77 -29.94
N SER D 28 -2.53 2.57 -29.09
CA SER D 28 -2.75 3.45 -27.95
C SER D 28 -1.96 2.97 -26.74
N VAL D 29 -1.06 3.83 -26.26
CA VAL D 29 -0.35 3.56 -25.03
C VAL D 29 -0.99 4.35 -23.89
N ALA D 30 -2.20 4.84 -24.14
CA ALA D 30 -3.01 5.55 -23.15
C ALA D 30 -2.31 6.77 -22.57
N GLY D 31 -2.22 6.83 -21.25
CA GLY D 31 -1.65 7.99 -20.58
C GLY D 31 -0.21 7.77 -20.14
N ASN D 32 0.31 6.59 -20.44
CA ASN D 32 1.64 6.21 -19.99
C ASN D 32 2.71 6.48 -21.04
N LEU D 33 3.29 7.67 -21.02
CA LEU D 33 4.35 8.04 -21.94
C LEU D 33 5.35 8.98 -21.26
N ALA D 34 6.63 8.77 -21.52
CA ALA D 34 7.68 9.57 -20.90
C ALA D 34 8.54 10.29 -21.92
N TRP D 35 9.13 11.41 -21.50
CA TRP D 35 10.05 12.18 -22.34
C TRP D 35 11.42 12.28 -21.69
N TYR D 36 12.47 12.04 -22.46
CA TYR D 36 13.83 12.13 -21.95
C TYR D 36 14.65 13.18 -22.70
N GLN D 37 15.57 13.82 -22.00
CA GLN D 37 16.49 14.75 -22.62
C GLN D 37 17.92 14.25 -22.49
N GLN D 38 18.58 14.06 -23.62
CA GLN D 38 19.98 13.64 -23.62
C GLN D 38 20.86 14.71 -24.26
N LYS D 39 21.64 15.39 -23.44
CA LYS D 39 22.63 16.33 -23.95
C LYS D 39 23.89 15.58 -24.34
N PRO D 40 24.43 15.86 -25.53
CA PRO D 40 25.58 15.17 -26.13
C PRO D 40 26.73 14.94 -25.15
N GLY D 41 27.13 13.67 -24.99
CA GLY D 41 28.24 13.33 -24.12
C GLY D 41 27.79 12.95 -22.73
N GLN D 42 26.47 12.91 -22.52
CA GLN D 42 25.91 12.63 -21.21
C GLN D 42 24.79 11.61 -21.25
N ALA D 43 24.35 11.17 -20.07
CA ALA D 43 23.23 10.24 -19.96
C ALA D 43 21.91 11.01 -20.04
N PRO D 44 20.82 10.31 -20.42
CA PRO D 44 19.51 10.97 -20.50
C PRO D 44 19.00 11.46 -19.15
N ARG D 45 18.32 12.60 -19.16
CA ARG D 45 17.68 13.15 -17.98
C ARG D 45 16.18 13.00 -18.13
N LEU D 46 15.51 12.49 -17.11
CA LEU D 46 14.06 12.32 -17.17
C LEU D 46 13.34 13.67 -17.09
N LEU D 47 12.50 13.95 -18.08
CA LEU D 47 11.74 15.20 -18.11
C LEU D 47 10.29 15.01 -17.70
N ILE D 48 9.52 14.34 -18.55
CA ILE D 48 8.09 14.16 -18.34
C ILE D 48 7.75 12.68 -18.17
N TYR D 49 6.84 12.38 -17.25
CA TYR D 49 6.26 11.04 -17.17
C TYR D 49 4.74 11.11 -17.03
N GLY D 50 4.04 10.09 -17.51
CA GLY D 50 2.59 10.11 -17.52
C GLY D 50 2.06 11.13 -18.50
N ALA D 51 2.91 11.50 -19.46
CA ALA D 51 2.57 12.44 -20.54
C ALA D 51 2.28 13.87 -20.10
N SER D 52 2.03 14.08 -18.82
CA SER D 52 1.66 15.41 -18.32
C SER D 52 2.56 15.87 -17.19
N THR D 53 2.54 15.14 -16.08
CA THR D 53 3.33 15.48 -14.91
C THR D 53 4.83 15.43 -15.21
N ARG D 54 5.58 16.34 -14.60
CA ARG D 54 7.01 16.45 -14.88
C ARG D 54 7.86 16.06 -13.67
N ALA D 55 9.05 15.52 -13.94
CA ALA D 55 9.89 14.95 -12.89
C ALA D 55 10.48 16.01 -11.97
N THR D 56 11.09 15.54 -10.89
CA THR D 56 11.65 16.43 -9.87
C THR D 56 12.90 17.15 -10.37
N GLY D 57 12.95 18.46 -10.16
CA GLY D 57 14.12 19.24 -10.51
C GLY D 57 14.04 19.82 -11.91
N ILE D 58 12.97 19.50 -12.61
CA ILE D 58 12.77 19.97 -13.97
C ILE D 58 12.05 21.32 -14.00
N PRO D 59 12.69 22.31 -14.63
CA PRO D 59 12.11 23.66 -14.84
C PRO D 59 10.78 23.59 -15.58
N ALA D 60 9.99 24.67 -15.48
CA ALA D 60 8.61 24.65 -15.92
C ALA D 60 8.39 25.08 -17.38
N ARG D 61 9.49 25.28 -18.12
CA ARG D 61 9.38 25.55 -19.54
C ARG D 61 8.87 24.31 -20.26
N PHE D 62 9.25 23.15 -19.72
CA PHE D 62 8.90 21.86 -20.30
C PHE D 62 7.48 21.44 -19.93
N SER D 63 6.63 21.25 -20.93
CA SER D 63 5.24 20.88 -20.71
C SER D 63 4.79 19.75 -21.63
N GLY D 64 4.42 18.62 -21.03
CA GLY D 64 3.93 17.48 -21.79
C GLY D 64 2.44 17.56 -22.03
N SER D 65 1.97 16.85 -23.05
CA SER D 65 0.55 16.88 -23.42
C SER D 65 0.16 15.71 -24.32
N GLY D 66 -1.12 15.35 -24.28
CA GLY D 66 -1.64 14.34 -25.18
C GLY D 66 -2.02 13.03 -24.52
N SER D 67 -2.74 12.20 -25.27
CA SER D 67 -3.12 10.87 -24.82
C SER D 67 -3.48 10.00 -26.01
N GLY D 68 -3.34 8.69 -25.86
CA GLY D 68 -3.68 7.77 -26.92
C GLY D 68 -2.55 7.54 -27.90
N THR D 69 -2.77 7.91 -29.16
CA THR D 69 -1.77 7.67 -30.19
C THR D 69 -0.82 8.85 -30.41
N GLU D 70 -1.33 10.06 -30.23
CA GLU D 70 -0.53 11.27 -30.45
C GLU D 70 -0.23 12.02 -29.16
N PHE D 71 1.03 12.38 -28.97
CA PHE D 71 1.47 13.14 -27.80
C PHE D 71 2.20 14.39 -28.25
N THR D 72 2.69 15.17 -27.29
CA THR D 72 3.38 16.41 -27.61
C THR D 72 4.26 16.92 -26.46
N LEU D 73 5.35 17.58 -26.82
CA LEU D 73 6.24 18.19 -25.85
C LEU D 73 6.41 19.67 -26.17
N THR D 74 6.33 20.51 -25.15
CA THR D 74 6.37 21.96 -25.36
C THR D 74 7.43 22.63 -24.49
N ILE D 75 8.27 23.45 -25.12
CA ILE D 75 9.21 24.29 -24.40
C ILE D 75 8.92 25.75 -24.74
N THR D 76 8.45 26.50 -23.76
CA THR D 76 7.99 27.88 -23.98
C THR D 76 9.11 28.81 -24.46
N SER D 77 10.10 29.03 -23.62
CA SER D 77 11.25 29.83 -24.00
C SER D 77 12.51 28.99 -23.91
N LEU D 78 13.15 28.77 -25.05
CA LEU D 78 14.36 27.94 -25.10
C LEU D 78 15.50 28.55 -24.32
N GLN D 79 16.56 27.78 -24.14
CA GLN D 79 17.71 28.22 -23.36
C GLN D 79 19.01 27.66 -23.95
N SER D 80 20.09 27.85 -23.22
CA SER D 80 21.40 27.37 -23.64
C SER D 80 21.43 25.85 -23.65
N GLU D 81 20.99 25.25 -22.55
CA GLU D 81 21.12 23.82 -22.34
C GLU D 81 20.03 23.05 -23.08
N ASP D 82 19.08 23.76 -23.66
CA ASP D 82 17.88 23.14 -24.22
C ASP D 82 18.04 22.63 -25.65
N PHE D 83 19.24 22.76 -26.21
CA PHE D 83 19.52 22.22 -27.54
C PHE D 83 20.17 20.84 -27.44
N ALA D 84 19.36 19.80 -27.60
CA ALA D 84 19.84 18.43 -27.46
C ALA D 84 18.93 17.44 -28.17
N VAL D 85 18.96 16.19 -27.69
CA VAL D 85 18.15 15.13 -28.26
C VAL D 85 17.03 14.74 -27.31
N TYR D 86 15.84 14.52 -27.84
CA TYR D 86 14.68 14.17 -27.02
C TYR D 86 14.01 12.87 -27.46
N TYR D 87 13.84 11.95 -26.52
CA TYR D 87 13.23 10.66 -26.81
C TYR D 87 11.88 10.51 -26.10
N CYS D 88 10.99 9.72 -26.69
CA CYS D 88 9.73 9.36 -26.02
C CYS D 88 9.68 7.86 -25.74
N GLN D 89 9.24 7.51 -24.53
CA GLN D 89 9.13 6.11 -24.16
C GLN D 89 7.69 5.73 -23.83
N GLN D 90 7.15 4.77 -24.57
CA GLN D 90 5.85 4.22 -24.23
C GLN D 90 6.02 3.21 -23.11
N TYR D 91 4.96 2.99 -22.34
CA TYR D 91 4.93 1.87 -21.38
C TYR D 91 3.51 1.41 -21.09
N ASN D 92 2.95 0.69 -22.06
CA ASN D 92 1.65 0.06 -21.90
C ASN D 92 1.77 -1.40 -22.32
N ASN D 93 2.12 -1.61 -23.58
CA ASN D 93 2.36 -2.97 -24.08
C ASN D 93 3.72 -3.49 -23.65
N TRP D 94 3.75 -4.77 -23.28
CA TRP D 94 4.98 -5.48 -22.96
C TRP D 94 5.71 -5.78 -24.25
N PRO D 95 7.03 -5.47 -24.29
CA PRO D 95 7.83 -4.83 -23.24
C PRO D 95 7.62 -3.33 -23.21
N PRO D 96 7.60 -2.73 -22.01
CA PRO D 96 7.33 -1.30 -21.84
C PRO D 96 8.58 -0.44 -21.98
N TRP D 97 9.62 -0.96 -22.62
CA TRP D 97 10.86 -0.21 -22.75
C TRP D 97 11.28 -0.02 -24.19
N THR D 98 10.28 0.08 -25.06
CA THR D 98 10.48 0.44 -26.45
C THR D 98 10.68 1.95 -26.50
N PHE D 99 11.63 2.39 -27.32
CA PHE D 99 11.96 3.81 -27.41
C PHE D 99 11.67 4.36 -28.80
N GLY D 100 11.66 5.69 -28.89
CA GLY D 100 11.56 6.35 -30.18
C GLY D 100 12.94 6.71 -30.67
N GLN D 101 13.08 6.93 -31.97
CA GLN D 101 14.39 7.22 -32.57
C GLN D 101 14.96 8.52 -32.04
N GLY D 102 14.08 9.48 -31.79
CA GLY D 102 14.48 10.75 -31.19
C GLY D 102 14.39 11.93 -32.13
N THR D 103 14.36 13.12 -31.54
CA THR D 103 14.34 14.37 -32.30
C THR D 103 15.48 15.28 -31.85
N LYS D 104 16.27 15.74 -32.80
CA LYS D 104 17.42 16.60 -32.50
C LYS D 104 17.09 18.06 -32.73
N VAL D 105 17.18 18.87 -31.68
CA VAL D 105 16.93 20.31 -31.81
C VAL D 105 18.23 21.12 -31.88
N ASP D 106 18.34 21.93 -32.93
CA ASP D 106 19.50 22.78 -33.13
C ASP D 106 19.13 24.26 -33.22
N ILE D 107 20.14 25.12 -33.30
CA ILE D 107 19.91 26.56 -33.35
C ILE D 107 19.50 27.03 -34.75
N LYS D 108 18.33 27.64 -34.84
CA LYS D 108 17.82 28.15 -36.11
C LYS D 108 18.59 29.39 -36.56
N ARG D 109 19.09 29.35 -37.79
CA ARG D 109 19.72 30.50 -38.41
C ARG D 109 19.48 30.50 -39.91
N THR D 110 20.08 31.46 -40.61
CA THR D 110 19.89 31.61 -42.05
C THR D 110 20.38 30.38 -42.80
N VAL D 111 19.69 30.03 -43.87
CA VAL D 111 20.04 28.86 -44.68
C VAL D 111 21.44 29.01 -45.27
N ALA D 112 22.31 28.05 -44.96
CA ALA D 112 23.70 28.11 -45.41
C ALA D 112 24.08 26.94 -46.32
N ALA D 113 24.46 27.27 -47.55
CA ALA D 113 24.98 26.30 -48.50
C ALA D 113 26.40 25.92 -48.10
N PRO D 114 26.79 24.65 -48.32
CA PRO D 114 28.16 24.28 -48.00
C PRO D 114 29.11 24.70 -49.11
N SER D 115 30.40 24.58 -48.84
CA SER D 115 31.42 24.75 -49.87
C SER D 115 32.08 23.40 -50.09
N VAL D 116 31.89 22.83 -51.27
CA VAL D 116 32.32 21.46 -51.56
C VAL D 116 33.75 21.37 -52.09
N PHE D 117 34.60 20.67 -51.33
CA PHE D 117 36.00 20.47 -51.71
C PHE D 117 36.33 18.99 -51.73
N ILE D 118 37.26 18.60 -52.59
CA ILE D 118 37.61 17.19 -52.72
C ILE D 118 39.12 16.99 -52.82
N PHE D 119 39.64 15.98 -52.12
CA PHE D 119 41.06 15.73 -52.09
C PHE D 119 41.38 14.32 -52.59
N PRO D 120 42.37 14.21 -53.49
CA PRO D 120 42.85 12.89 -53.92
C PRO D 120 43.82 12.33 -52.87
N PRO D 121 44.04 11.01 -52.88
CA PRO D 121 44.93 10.42 -51.88
C PRO D 121 46.38 10.85 -52.08
N SER D 122 47.14 10.86 -51.00
CA SER D 122 48.55 11.23 -51.06
C SER D 122 49.36 10.11 -51.68
N ASP D 123 50.38 10.48 -52.44
CA ASP D 123 51.34 9.52 -52.96
C ASP D 123 52.07 8.86 -51.79
N GLU D 124 52.27 9.64 -50.74
CA GLU D 124 52.89 9.15 -49.52
C GLU D 124 52.06 8.03 -48.90
N GLN D 125 50.74 8.14 -49.04
CA GLN D 125 49.83 7.09 -48.56
C GLN D 125 49.79 5.90 -49.51
N LEU D 126 49.80 6.18 -50.81
CA LEU D 126 49.73 5.13 -51.82
C LEU D 126 50.84 4.09 -51.67
N LYS D 127 51.98 4.52 -51.15
CA LYS D 127 53.10 3.62 -50.90
C LYS D 127 52.78 2.60 -49.82
N SER D 128 51.81 2.94 -48.96
CA SER D 128 51.43 2.07 -47.85
C SER D 128 50.42 1.01 -48.27
N GLY D 129 49.99 1.07 -49.53
CA GLY D 129 49.08 0.07 -50.07
C GLY D 129 47.61 0.47 -50.06
N THR D 130 47.25 1.53 -49.34
CA THR D 130 45.87 1.99 -49.30
C THR D 130 45.70 3.37 -49.91
N ALA D 131 44.46 3.72 -50.22
CA ALA D 131 44.15 5.04 -50.77
C ALA D 131 42.88 5.61 -50.16
N SER D 132 42.96 6.86 -49.71
CA SER D 132 41.83 7.53 -49.08
C SER D 132 41.41 8.78 -49.84
N VAL D 133 40.22 8.72 -50.45
CA VAL D 133 39.63 9.87 -51.11
C VAL D 133 38.73 10.59 -50.11
N VAL D 134 38.90 11.90 -49.98
CA VAL D 134 38.15 12.67 -49.00
C VAL D 134 37.28 13.76 -49.64
N CYS D 135 36.01 13.80 -49.26
CA CYS D 135 35.07 14.81 -49.72
C CYS D 135 34.63 15.67 -48.53
N LEU D 136 34.80 16.98 -48.65
CA LEU D 136 34.51 17.88 -47.54
C LEU D 136 33.35 18.84 -47.84
N LEU D 137 32.45 18.98 -46.88
CA LEU D 137 31.38 19.98 -46.96
C LEU D 137 31.55 20.99 -45.83
N ASN D 138 31.85 22.23 -46.19
CA ASN D 138 32.20 23.23 -45.19
C ASN D 138 31.12 24.29 -44.94
N ASN D 139 30.78 24.49 -43.67
CA ASN D 139 29.87 25.55 -43.25
C ASN D 139 28.50 25.50 -43.93
N PHE D 140 27.62 24.65 -43.42
CA PHE D 140 26.29 24.49 -43.98
C PHE D 140 25.22 24.39 -42.89
N TYR D 141 23.99 24.77 -43.24
CA TYR D 141 22.86 24.66 -42.34
C TYR D 141 21.56 24.43 -43.12
N PRO D 142 20.71 23.51 -42.64
CA PRO D 142 20.86 22.70 -41.42
C PRO D 142 21.74 21.46 -41.61
N ARG D 143 21.85 20.65 -40.57
CA ARG D 143 22.72 19.48 -40.58
C ARG D 143 22.31 18.45 -41.64
N GLU D 144 21.06 18.51 -42.09
CA GLU D 144 20.54 17.52 -43.03
C GLU D 144 21.16 17.67 -44.42
N ALA D 145 21.89 16.63 -44.84
CA ALA D 145 22.56 16.62 -46.15
C ALA D 145 22.94 15.20 -46.58
N LYS D 146 23.08 14.99 -47.88
CA LYS D 146 23.37 13.67 -48.42
C LYS D 146 24.55 13.69 -49.41
N VAL D 147 25.42 12.69 -49.31
CA VAL D 147 26.62 12.61 -50.14
C VAL D 147 26.72 11.30 -50.91
N GLN D 148 26.89 11.43 -52.22
CA GLN D 148 26.97 10.26 -53.10
C GLN D 148 28.37 10.09 -53.68
N TRP D 149 28.92 8.89 -53.58
CA TRP D 149 30.23 8.59 -54.15
C TRP D 149 30.11 7.94 -55.52
N LYS D 150 30.92 8.41 -56.46
CA LYS D 150 30.89 7.89 -57.82
C LYS D 150 32.29 7.75 -58.42
N VAL D 151 32.73 6.52 -58.64
CA VAL D 151 34.01 6.29 -59.31
C VAL D 151 33.79 5.74 -60.71
N ASP D 152 34.49 6.32 -61.69
CA ASP D 152 34.30 5.98 -63.10
C ASP D 152 32.82 5.94 -63.50
N ASN D 153 32.06 6.93 -63.02
CA ASN D 153 30.61 6.96 -63.17
C ASN D 153 29.91 5.72 -62.60
N ALA D 154 30.38 5.25 -61.45
CA ALA D 154 29.73 4.11 -60.78
C ALA D 154 29.54 4.37 -59.28
N LEU D 155 28.32 4.13 -58.82
CA LEU D 155 27.94 4.36 -57.43
C LEU D 155 28.65 3.41 -56.46
N GLN D 156 29.23 3.99 -55.40
CA GLN D 156 29.86 3.19 -54.36
C GLN D 156 28.83 2.77 -53.31
N SER D 157 29.17 1.78 -52.50
CA SER D 157 28.21 1.20 -51.57
C SER D 157 28.61 1.34 -50.10
N GLY D 158 29.42 0.41 -49.62
CA GLY D 158 29.75 0.34 -48.20
C GLY D 158 31.19 0.68 -47.86
N ASN D 159 31.83 1.50 -48.69
CA ASN D 159 33.22 1.88 -48.45
C ASN D 159 33.34 3.31 -47.91
N SER D 160 32.20 3.94 -47.67
CA SER D 160 32.17 5.31 -47.19
C SER D 160 32.25 5.39 -45.67
N GLN D 161 32.56 6.58 -45.17
CA GLN D 161 32.57 6.83 -43.73
C GLN D 161 32.50 8.33 -43.51
N GLU D 162 31.57 8.75 -42.65
CA GLU D 162 31.32 10.18 -42.46
C GLU D 162 31.52 10.63 -41.01
N SER D 163 31.87 11.91 -40.85
CA SER D 163 32.04 12.52 -39.54
C SER D 163 31.56 13.96 -39.59
N VAL D 164 30.76 14.35 -38.60
CA VAL D 164 30.22 15.71 -38.54
C VAL D 164 30.56 16.41 -37.24
N THR D 165 31.00 17.66 -37.33
CA THR D 165 31.21 18.49 -36.14
C THR D 165 29.85 18.88 -35.57
N GLU D 166 29.84 19.33 -34.33
CA GLU D 166 28.62 19.86 -33.74
C GLU D 166 28.43 21.31 -34.20
N GLN D 167 27.35 21.94 -33.74
CA GLN D 167 27.06 23.31 -34.16
C GLN D 167 28.15 24.26 -33.67
N ASP D 168 28.63 25.11 -34.57
CA ASP D 168 29.76 25.98 -34.30
C ASP D 168 29.43 27.01 -33.23
N SER D 169 30.45 27.39 -32.45
CA SER D 169 30.27 28.30 -31.32
C SER D 169 29.87 29.69 -31.79
N LYS D 170 30.39 30.10 -32.94
CA LYS D 170 30.21 31.46 -33.45
C LYS D 170 29.04 31.57 -34.43
N ASP D 171 29.25 31.06 -35.64
CA ASP D 171 28.26 31.19 -36.72
C ASP D 171 27.18 30.10 -36.68
N SER D 172 27.29 29.19 -35.71
CA SER D 172 26.34 28.09 -35.52
C SER D 172 26.04 27.31 -36.80
N THR D 173 27.10 26.85 -37.47
CA THR D 173 26.94 26.06 -38.67
C THR D 173 27.63 24.70 -38.51
N TYR D 174 27.48 23.83 -39.51
CA TYR D 174 28.05 22.49 -39.45
C TYR D 174 29.13 22.27 -40.51
N SER D 175 30.03 21.34 -40.22
CA SER D 175 30.99 20.85 -41.22
C SER D 175 30.99 19.33 -41.25
N LEU D 176 31.13 18.75 -42.44
CA LEU D 176 31.06 17.30 -42.62
C LEU D 176 32.16 16.79 -43.55
N SER D 177 32.80 15.69 -43.16
CA SER D 177 33.78 15.03 -44.02
C SER D 177 33.29 13.64 -44.41
N SER D 178 33.53 13.26 -45.66
CA SER D 178 33.17 11.94 -46.15
C SER D 178 34.36 11.30 -46.85
N THR D 179 34.96 10.30 -46.23
CA THR D 179 36.11 9.65 -46.82
C THR D 179 35.81 8.24 -47.34
N LEU D 180 36.10 8.03 -48.62
CA LEU D 180 35.99 6.71 -49.23
C LEU D 180 37.40 6.12 -49.33
N THR D 181 37.53 4.85 -49.02
CA THR D 181 38.85 4.21 -49.02
C THR D 181 38.92 3.01 -49.96
N LEU D 182 40.02 2.91 -50.70
CA LEU D 182 40.27 1.80 -51.60
C LEU D 182 41.68 1.28 -51.39
N SER D 183 41.96 0.09 -51.88
CA SER D 183 43.33 -0.38 -51.96
C SER D 183 44.01 0.41 -53.07
N LYS D 184 45.33 0.50 -53.02
CA LYS D 184 46.09 1.24 -54.03
C LYS D 184 45.80 0.73 -55.43
N ALA D 185 45.78 -0.59 -55.58
CA ALA D 185 45.57 -1.22 -56.88
C ALA D 185 44.20 -0.89 -57.45
N ASP D 186 43.15 -1.04 -56.63
CA ASP D 186 41.80 -0.71 -57.03
C ASP D 186 41.67 0.78 -57.38
N TYR D 187 42.41 1.61 -56.67
CA TYR D 187 42.45 3.04 -56.94
C TYR D 187 43.07 3.32 -58.31
N GLU D 188 44.08 2.54 -58.67
CA GLU D 188 44.77 2.72 -59.94
C GLU D 188 43.97 2.13 -61.11
N LYS D 189 42.93 1.37 -60.79
CA LYS D 189 42.11 0.71 -61.81
C LYS D 189 41.06 1.63 -62.41
N HIS D 190 40.81 2.76 -61.77
CA HIS D 190 39.76 3.69 -62.21
C HIS D 190 40.33 5.07 -62.51
N LYS D 191 39.54 5.89 -63.21
CA LYS D 191 40.01 7.20 -63.66
C LYS D 191 39.37 8.37 -62.90
N VAL D 192 38.06 8.54 -63.06
CA VAL D 192 37.37 9.67 -62.46
C VAL D 192 36.69 9.34 -61.12
N TYR D 193 37.10 10.05 -60.08
CA TYR D 193 36.49 9.93 -58.76
C TYR D 193 35.67 11.17 -58.45
N ALA D 194 34.45 10.97 -57.95
CA ALA D 194 33.53 12.09 -57.75
C ALA D 194 32.63 11.92 -56.53
N CYS D 195 32.35 13.03 -55.85
CA CYS D 195 31.34 13.06 -54.79
C CYS D 195 30.30 14.14 -55.05
N GLU D 196 29.03 13.74 -55.07
CA GLU D 196 27.94 14.66 -55.35
C GLU D 196 27.14 14.97 -54.07
N VAL D 197 26.67 16.20 -53.97
CA VAL D 197 26.03 16.67 -52.74
C VAL D 197 24.63 17.23 -52.97
N THR D 198 23.71 16.89 -52.06
CA THR D 198 22.40 17.52 -52.05
C THR D 198 22.07 18.06 -50.65
N HIS D 199 22.34 19.35 -50.48
CA HIS D 199 21.90 20.10 -49.32
C HIS D 199 20.99 21.20 -49.83
N GLN D 200 21.60 22.24 -50.39
CA GLN D 200 20.90 23.38 -50.99
C GLN D 200 21.92 24.37 -51.54
N GLY D 201 21.60 24.96 -52.69
CA GLY D 201 22.59 25.68 -53.48
C GLY D 201 22.34 25.44 -54.96
N LEU D 202 21.50 26.31 -55.52
CA LEU D 202 20.81 26.08 -56.79
C LEU D 202 19.99 24.77 -56.71
N SER D 203 19.56 24.47 -55.49
CA SER D 203 18.84 23.26 -55.11
C SER D 203 19.35 21.99 -55.79
N SER D 204 20.59 21.60 -55.46
CA SER D 204 21.17 20.32 -55.88
C SER D 204 21.40 20.25 -57.40
N PRO D 205 22.34 19.41 -57.87
CA PRO D 205 23.34 18.57 -57.20
C PRO D 205 24.77 18.90 -57.60
N VAL D 206 25.33 19.96 -57.04
CA VAL D 206 26.71 20.35 -57.31
C VAL D 206 27.69 19.22 -56.99
N THR D 207 28.54 18.89 -57.97
CA THR D 207 29.48 17.78 -57.81
C THR D 207 30.93 18.25 -57.97
N LYS D 208 31.85 17.45 -57.42
CA LYS D 208 33.27 17.73 -57.50
C LYS D 208 34.01 16.46 -57.89
N SER D 209 34.79 16.52 -58.95
CA SER D 209 35.41 15.33 -59.52
C SER D 209 36.86 15.59 -59.93
N PHE D 210 37.71 14.58 -59.78
CA PHE D 210 39.08 14.65 -60.29
C PHE D 210 39.42 13.40 -61.11
N ASN D 211 40.12 13.61 -62.22
CA ASN D 211 40.67 12.50 -63.01
C ASN D 211 42.01 12.06 -62.43
N ARG D 212 42.15 10.76 -62.17
CA ARG D 212 43.36 10.22 -61.56
C ARG D 212 44.60 10.48 -62.40
N GLY D 213 45.53 11.24 -61.84
CA GLY D 213 46.74 11.61 -62.54
C GLY D 213 46.68 13.02 -63.11
#